data_6COX
#
_entry.id   6COX
#
_cell.length_a   181.170
_cell.length_b   132.810
_cell.length_c   122.740
_cell.angle_alpha   90.00
_cell.angle_beta   90.00
_cell.angle_gamma   90.00
#
_symmetry.space_group_name_H-M   'I 2 2 2'
#
loop_
_entity.id
_entity.type
_entity.pdbx_description
1 polymer CYCLOOXYGENASE-2
2 non-polymer 2-acetamido-2-deoxy-beta-D-glucopyranose
3 non-polymer 'PROTOPORPHYRIN IX CONTAINING FE'
4 non-polymer 1-PHENYLSULFONAMIDE-3-TRIFLUOROMETHYL-5-PARABROMOPHENYLPYRAZOLE
#
_entity_poly.entity_id   1
_entity_poly.type   'polypeptide(L)'
_entity_poly.pdbx_seq_one_letter_code
;ANPCCSNPCQNRGECMSTGFDQYKCDCTRTGFYGENCTTPEFLTRIKLLLKPTPNTVHYILTHFKGVWNIVNNIPFLRSL
IMKYVLTSRSYLIDSPPTYNVHYGYKSWEAFSNLSYYTRALPPVADDCPTPMGVKGNKELPDSKEVLEKVLLRREFIPDP
QGSNMMFAFFAQHFTHQFFKTDHKRGPGFTRGLGHGVDLNHIYGETLDRQHKLRLFKDGKLKYQVIGGEVYPPTVKDTQV
EMIYPPHIPENLQFAVGQEVFGLVPGLMMYATIWLREHQRVCDILKQEHPEWGDEQLFQTSKLILIGETIKIVIEDYVQH
LSGYHFKLKFDPELLFNQQFQYQNRIASEFNTLYHWHPLLPDTFNIEDQEYSFKQFLYNNSILLEHGLTQFVESFTRQIA
GRVAGGRNVPIAVQAVAKASIDQSREMKYQSLNEYRKRFSLKPYTSFEELTGEKEMAAELKALYSDIDVMELYPALLVEK
PRPDAIFGETMVELGAPFSLKGLMGNPICSPQYWKPSTFGGEVGFKIINTASIQSLICNNVKGCPFTSFNVQDPQPTKTA
TINASASHSRLDDINPTVLIKRRSTEL
;
_entity_poly.pdbx_strand_id   A,B
#
# COMPACT_ATOMS: atom_id res chain seq x y z
N ALA A 1 -13.53 30.28 13.28
CA ALA A 1 -12.19 30.93 13.42
C ALA A 1 -11.32 30.62 12.21
N ASN A 2 -10.97 29.35 12.04
CA ASN A 2 -10.12 28.92 10.95
C ASN A 2 -10.60 29.51 9.60
N PRO A 3 -9.75 30.33 8.97
CA PRO A 3 -9.96 31.01 7.69
C PRO A 3 -10.37 30.17 6.48
N CYS A 4 -10.02 28.88 6.50
CA CYS A 4 -10.36 28.01 5.39
C CYS A 4 -11.74 27.41 5.54
N CYS A 5 -12.44 27.77 6.63
CA CYS A 5 -13.78 27.30 6.89
C CYS A 5 -14.71 27.64 5.73
N SER A 6 -14.45 28.77 5.07
CA SER A 6 -15.26 29.21 3.95
C SER A 6 -15.02 28.39 2.69
N ASN A 7 -14.15 27.38 2.80
CA ASN A 7 -13.77 26.52 1.66
C ASN A 7 -13.54 27.39 0.41
N PRO A 8 -12.62 28.39 0.52
CA PRO A 8 -12.27 29.34 -0.55
C PRO A 8 -11.35 28.92 -1.70
N CYS A 9 -10.73 27.75 -1.62
CA CYS A 9 -9.83 27.36 -2.69
C CYS A 9 -10.51 26.54 -3.78
N GLN A 10 -10.64 27.17 -4.93
CA GLN A 10 -11.30 26.52 -6.05
C GLN A 10 -10.43 25.58 -6.85
N ASN A 11 -11.08 24.80 -7.71
CA ASN A 11 -10.43 23.87 -8.61
C ASN A 11 -9.41 22.91 -8.01
N ARG A 12 -9.59 22.61 -6.73
CA ARG A 12 -8.72 21.69 -5.96
C ARG A 12 -7.45 22.26 -5.30
N GLY A 13 -7.36 23.59 -5.17
CA GLY A 13 -6.20 24.16 -4.50
C GLY A 13 -6.30 23.72 -3.06
N GLU A 14 -5.24 23.87 -2.28
CA GLU A 14 -5.30 23.48 -0.88
C GLU A 14 -5.28 24.72 -0.04
N CYS A 15 -5.86 24.64 1.13
CA CYS A 15 -5.96 25.85 1.91
C CYS A 15 -5.40 25.81 3.32
N MET A 16 -4.50 26.74 3.63
CA MET A 16 -4.00 26.78 4.99
C MET A 16 -4.02 28.15 5.57
N SER A 17 -4.30 28.18 6.86
CA SER A 17 -4.33 29.41 7.61
C SER A 17 -2.93 29.94 7.53
N THR A 18 -2.78 31.26 7.67
CA THR A 18 -1.48 31.88 7.62
C THR A 18 -1.39 32.91 8.73
N GLY A 19 -2.37 32.88 9.62
CA GLY A 19 -2.31 33.83 10.71
C GLY A 19 -3.61 34.20 11.39
N PHE A 20 -4.38 33.19 11.79
CA PHE A 20 -5.63 33.43 12.50
C PHE A 20 -6.80 33.88 11.64
N ASP A 21 -6.60 34.95 10.88
CA ASP A 21 -7.65 35.47 10.04
C ASP A 21 -7.13 35.71 8.63
N GLN A 22 -6.43 34.72 8.10
CA GLN A 22 -5.84 34.79 6.76
C GLN A 22 -5.50 33.37 6.32
N TYR A 23 -5.56 33.12 5.02
CA TYR A 23 -5.31 31.80 4.48
C TYR A 23 -4.52 31.93 3.20
N LYS A 24 -4.23 30.80 2.57
CA LYS A 24 -3.49 30.82 1.32
C LYS A 24 -3.85 29.52 0.60
N CYS A 25 -4.04 29.62 -0.72
CA CYS A 25 -4.38 28.45 -1.53
C CYS A 25 -3.18 27.89 -2.31
N ASP A 26 -3.14 26.56 -2.42
CA ASP A 26 -2.10 25.89 -3.12
C ASP A 26 -2.62 25.32 -4.42
N CYS A 27 -2.49 26.11 -5.47
CA CYS A 27 -2.98 25.68 -6.77
C CYS A 27 -1.99 24.77 -7.48
N THR A 28 -1.05 24.18 -6.73
CA THR A 28 -0.06 23.31 -7.35
C THR A 28 -0.72 22.27 -8.24
N ARG A 29 -0.38 22.33 -9.50
CA ARG A 29 -0.91 21.39 -10.45
C ARG A 29 -2.44 21.34 -10.53
N THR A 30 -3.10 22.47 -10.31
CA THR A 30 -4.57 22.51 -10.43
C THR A 30 -4.77 22.86 -11.89
N GLY A 31 -4.15 23.95 -12.31
CA GLY A 31 -4.25 24.42 -13.66
C GLY A 31 -4.83 25.80 -13.57
N PHE A 32 -4.96 26.27 -12.34
CA PHE A 32 -5.53 27.57 -12.06
C PHE A 32 -4.61 28.32 -11.13
N TYR A 33 -4.50 29.62 -11.30
CA TYR A 33 -3.65 30.43 -10.43
C TYR A 33 -4.51 31.40 -9.64
N GLY A 34 -3.89 32.47 -9.17
CA GLY A 34 -4.65 33.46 -8.44
C GLY A 34 -5.11 33.04 -7.06
N GLU A 35 -5.39 34.05 -6.25
CA GLU A 35 -5.81 33.90 -4.87
C GLU A 35 -6.59 32.65 -4.47
N ASN A 36 -7.53 32.23 -5.29
CA ASN A 36 -8.35 31.06 -4.97
C ASN A 36 -8.32 29.94 -5.97
N CYS A 37 -7.31 29.95 -6.86
CA CYS A 37 -7.11 28.94 -7.91
C CYS A 37 -8.31 28.90 -8.87
N THR A 38 -8.66 30.07 -9.42
CA THR A 38 -9.79 30.25 -10.32
C THR A 38 -9.43 30.60 -11.78
N THR A 39 -8.55 31.58 -11.97
CA THR A 39 -8.13 31.98 -13.31
C THR A 39 -7.24 30.85 -13.85
N PRO A 40 -7.70 30.18 -14.90
CA PRO A 40 -6.97 29.07 -15.52
C PRO A 40 -5.85 29.40 -16.45
N GLU A 41 -4.97 28.44 -16.59
CA GLU A 41 -3.86 28.58 -17.51
C GLU A 41 -4.46 28.28 -18.87
N PHE A 42 -3.85 28.86 -19.90
CA PHE A 42 -4.29 28.70 -21.27
C PHE A 42 -4.74 27.30 -21.59
N LEU A 43 -3.84 26.33 -21.41
CA LEU A 43 -4.17 24.93 -21.70
C LEU A 43 -5.44 24.47 -20.98
N THR A 44 -5.65 24.99 -19.79
CA THR A 44 -6.83 24.63 -19.04
C THR A 44 -8.04 25.14 -19.86
N ARG A 45 -7.97 26.40 -20.30
CA ARG A 45 -9.05 26.99 -21.10
C ARG A 45 -9.33 26.06 -22.26
N ILE A 46 -8.27 25.79 -23.04
CA ILE A 46 -8.32 24.94 -24.22
C ILE A 46 -9.06 23.62 -24.01
N LYS A 47 -8.75 22.93 -22.92
CA LYS A 47 -9.42 21.66 -22.66
C LYS A 47 -10.82 21.85 -22.06
N LEU A 48 -11.01 22.87 -21.22
CA LEU A 48 -12.32 23.11 -20.63
C LEU A 48 -13.41 23.22 -21.72
N LEU A 49 -13.17 24.03 -22.75
CA LEU A 49 -14.14 24.15 -23.84
C LEU A 49 -13.78 23.05 -24.79
N LEU A 50 -14.08 21.85 -24.35
CA LEU A 50 -13.75 20.65 -25.10
C LEU A 50 -14.29 19.48 -24.26
N LYS A 51 -14.19 19.64 -22.93
CA LYS A 51 -14.67 18.65 -22.00
C LYS A 51 -16.18 18.45 -22.08
N PRO A 52 -16.62 17.32 -22.65
CA PRO A 52 -18.06 17.10 -22.75
C PRO A 52 -18.55 16.73 -21.35
N THR A 53 -19.79 17.08 -21.03
CA THR A 53 -20.32 16.79 -19.70
C THR A 53 -20.64 15.31 -19.52
N PRO A 54 -20.61 14.84 -18.27
CA PRO A 54 -20.90 13.45 -17.94
C PRO A 54 -22.24 13.02 -18.51
N ASN A 55 -23.13 13.98 -18.62
CA ASN A 55 -24.45 13.76 -19.15
C ASN A 55 -24.34 13.77 -20.66
N THR A 56 -23.69 14.80 -21.19
CA THR A 56 -23.54 14.91 -22.63
C THR A 56 -22.59 13.85 -23.15
N VAL A 57 -22.43 12.80 -22.38
CA VAL A 57 -21.58 11.68 -22.71
C VAL A 57 -22.40 10.45 -22.37
N HIS A 58 -23.10 10.48 -21.23
CA HIS A 58 -23.94 9.36 -20.82
C HIS A 58 -24.95 9.06 -21.90
N TYR A 59 -25.32 10.09 -22.65
CA TYR A 59 -26.27 9.96 -23.75
C TYR A 59 -25.62 9.02 -24.74
N ILE A 60 -24.45 9.43 -25.22
CA ILE A 60 -23.69 8.66 -26.19
C ILE A 60 -23.62 7.17 -25.85
N LEU A 61 -23.26 6.88 -24.59
CA LEU A 61 -23.10 5.50 -24.12
C LEU A 61 -24.38 4.67 -24.20
N THR A 62 -25.47 5.27 -23.77
CA THR A 62 -26.77 4.63 -23.77
C THR A 62 -27.42 4.60 -25.14
N HIS A 63 -27.04 5.55 -26.00
CA HIS A 63 -27.63 5.63 -27.32
C HIS A 63 -26.94 4.85 -28.41
N PHE A 64 -27.19 5.25 -29.66
CA PHE A 64 -26.61 4.64 -30.87
C PHE A 64 -26.31 3.14 -30.81
N LYS A 65 -27.20 2.36 -30.19
CA LYS A 65 -27.03 0.92 -30.04
C LYS A 65 -26.41 0.24 -31.27
N GLY A 66 -26.74 0.76 -32.44
CA GLY A 66 -26.20 0.20 -33.67
C GLY A 66 -24.71 0.39 -33.71
N VAL A 67 -24.26 1.61 -33.53
CA VAL A 67 -22.83 1.92 -33.54
C VAL A 67 -22.06 1.07 -32.55
N TRP A 68 -22.60 1.01 -31.34
CA TRP A 68 -22.00 0.24 -30.27
C TRP A 68 -21.92 -1.22 -30.65
N ASN A 69 -22.86 -1.69 -31.45
CA ASN A 69 -22.84 -3.09 -31.83
C ASN A 69 -21.89 -3.29 -32.96
N ILE A 70 -21.01 -2.32 -33.16
CA ILE A 70 -20.00 -2.43 -34.18
C ILE A 70 -18.70 -2.37 -33.37
N VAL A 71 -18.56 -1.29 -32.60
CA VAL A 71 -17.40 -1.09 -31.75
C VAL A 71 -17.22 -2.36 -30.93
N ASN A 72 -18.30 -2.75 -30.26
CA ASN A 72 -18.36 -3.94 -29.40
C ASN A 72 -17.87 -5.21 -30.06
N ASN A 73 -17.61 -5.15 -31.37
CA ASN A 73 -17.17 -6.33 -32.09
C ASN A 73 -15.77 -6.21 -32.67
N ILE A 74 -15.22 -5.00 -32.62
CA ILE A 74 -13.88 -4.74 -33.12
C ILE A 74 -13.03 -4.76 -31.86
N PRO A 75 -12.51 -5.94 -31.49
CA PRO A 75 -11.69 -6.07 -30.28
C PRO A 75 -10.69 -4.94 -30.15
N PHE A 76 -10.21 -4.48 -31.29
CA PHE A 76 -9.23 -3.40 -31.37
C PHE A 76 -9.92 -2.16 -30.79
N LEU A 77 -11.10 -1.90 -31.34
CA LEU A 77 -11.91 -0.77 -30.93
C LEU A 77 -12.46 -0.81 -29.52
N ARG A 78 -12.91 -1.99 -29.09
CA ARG A 78 -13.51 -2.16 -27.78
C ARG A 78 -12.56 -1.81 -26.64
N SER A 79 -11.47 -2.56 -26.54
CA SER A 79 -10.45 -2.34 -25.52
C SER A 79 -10.03 -0.85 -25.58
N LEU A 80 -10.01 -0.31 -26.78
CA LEU A 80 -9.65 1.09 -26.95
C LEU A 80 -10.70 1.98 -26.25
N ILE A 81 -11.97 1.62 -26.35
CA ILE A 81 -13.02 2.40 -25.72
C ILE A 81 -12.89 2.24 -24.19
N MET A 82 -12.76 1.00 -23.75
CA MET A 82 -12.67 0.65 -22.32
C MET A 82 -11.44 1.23 -21.59
N LYS A 83 -10.32 1.33 -22.28
CA LYS A 83 -9.12 1.87 -21.68
C LYS A 83 -9.41 3.34 -21.26
N TYR A 84 -10.10 4.08 -22.12
CA TYR A 84 -10.44 5.47 -21.83
C TYR A 84 -11.39 5.57 -20.63
N VAL A 85 -12.44 4.74 -20.63
CA VAL A 85 -13.39 4.80 -19.54
C VAL A 85 -12.66 4.50 -18.26
N LEU A 86 -11.76 3.54 -18.35
CA LEU A 86 -10.99 3.08 -17.23
C LEU A 86 -10.05 4.17 -16.71
N THR A 87 -9.44 4.90 -17.63
CA THR A 87 -8.47 5.92 -17.27
C THR A 87 -8.99 7.26 -16.80
N SER A 88 -9.90 7.84 -17.59
CA SER A 88 -10.51 9.16 -17.31
C SER A 88 -10.96 9.45 -15.86
N ARG A 89 -11.72 8.54 -15.27
CA ARG A 89 -12.20 8.72 -13.90
C ARG A 89 -11.06 8.72 -12.88
N SER A 90 -10.08 7.85 -13.09
CA SER A 90 -8.92 7.71 -12.20
C SER A 90 -8.29 9.00 -11.68
N TYR A 91 -8.20 10.04 -12.50
CA TYR A 91 -7.60 11.28 -12.03
C TYR A 91 -8.36 11.92 -10.87
N LEU A 92 -9.51 11.37 -10.50
CA LEU A 92 -10.31 11.94 -9.42
C LEU A 92 -10.00 11.40 -8.06
N ILE A 93 -9.25 10.31 -7.97
CA ILE A 93 -8.93 9.76 -6.64
C ILE A 93 -7.46 9.91 -6.28
N ASP A 94 -7.21 10.15 -5.00
CA ASP A 94 -5.87 10.33 -4.50
C ASP A 94 -5.21 9.00 -4.13
N SER A 95 -4.02 8.80 -4.68
CA SER A 95 -3.25 7.63 -4.40
C SER A 95 -1.80 8.03 -4.44
N PRO A 96 -1.13 7.96 -3.29
CA PRO A 96 -1.74 7.53 -2.04
C PRO A 96 -2.76 8.47 -1.39
N PRO A 97 -3.70 7.89 -0.63
CA PRO A 97 -4.77 8.61 0.07
C PRO A 97 -4.23 9.79 0.86
N THR A 98 -5.11 10.74 1.15
CA THR A 98 -4.74 11.93 1.86
C THR A 98 -5.45 12.14 3.20
N TYR A 99 -6.48 12.99 3.21
CA TYR A 99 -7.21 13.29 4.45
C TYR A 99 -8.04 12.19 5.07
N ASN A 100 -8.46 12.41 6.32
CA ASN A 100 -9.29 11.44 7.01
C ASN A 100 -10.13 12.12 8.08
N VAL A 101 -11.08 11.38 8.62
CA VAL A 101 -11.98 11.84 9.67
C VAL A 101 -11.39 12.91 10.55
N HIS A 102 -10.14 12.68 11.00
CA HIS A 102 -9.47 13.61 11.89
C HIS A 102 -8.39 14.50 11.31
N TYR A 103 -8.15 14.41 10.01
CA TYR A 103 -7.12 15.24 9.44
C TYR A 103 -7.58 15.92 8.18
N GLY A 104 -7.70 17.23 8.32
CA GLY A 104 -8.12 18.06 7.21
C GLY A 104 -6.86 18.47 6.53
N TYR A 105 -5.74 18.10 7.15
CA TYR A 105 -4.41 18.37 6.62
C TYR A 105 -3.83 16.99 6.48
N LYS A 106 -2.86 16.84 5.59
CA LYS A 106 -2.23 15.55 5.23
C LYS A 106 -1.70 14.58 6.30
N SER A 107 -0.77 15.01 7.14
CA SER A 107 -0.18 14.17 8.21
C SER A 107 0.29 12.75 7.84
N TRP A 108 1.20 12.17 8.63
CA TRP A 108 1.65 10.81 8.34
C TRP A 108 0.61 9.86 8.91
N GLU A 109 0.14 10.15 10.14
CA GLU A 109 -0.89 9.35 10.82
C GLU A 109 -2.10 9.05 9.89
N ALA A 110 -2.58 10.06 9.18
CA ALA A 110 -3.67 9.88 8.24
C ALA A 110 -3.29 8.78 7.28
N PHE A 111 -2.13 8.95 6.66
CA PHE A 111 -1.64 8.01 5.65
C PHE A 111 -1.33 6.66 6.22
N SER A 112 -0.73 6.63 7.39
CA SER A 112 -0.36 5.37 7.98
C SER A 112 -1.53 4.51 8.44
N ASN A 113 -2.33 5.02 9.36
CA ASN A 113 -3.44 4.30 9.97
C ASN A 113 -4.51 3.67 9.08
N LEU A 114 -4.41 2.37 8.88
CA LEU A 114 -5.36 1.65 8.06
C LEU A 114 -6.75 1.48 8.70
N SER A 115 -6.87 1.86 9.97
CA SER A 115 -8.15 1.72 10.66
C SER A 115 -9.18 2.78 10.23
N TYR A 116 -8.74 3.83 9.53
CA TYR A 116 -9.63 4.90 9.09
C TYR A 116 -10.05 4.67 7.63
N TYR A 117 -11.23 5.19 7.26
CA TYR A 117 -11.75 5.12 5.88
C TYR A 117 -11.11 6.35 5.35
N THR A 118 -10.70 6.36 4.08
CA THR A 118 -10.08 7.58 3.63
C THR A 118 -11.17 8.65 3.44
N ARG A 119 -10.85 9.82 2.90
CA ARG A 119 -11.87 10.83 2.74
C ARG A 119 -11.59 11.76 1.55
N ALA A 120 -12.40 11.63 0.50
CA ALA A 120 -12.25 12.41 -0.71
C ALA A 120 -12.24 13.95 -0.53
N LEU A 121 -12.76 14.43 0.59
CA LEU A 121 -12.78 15.87 0.85
C LEU A 121 -12.66 15.96 2.35
N PRO A 122 -11.75 16.78 2.83
CA PRO A 122 -11.55 16.94 4.25
C PRO A 122 -12.82 17.28 5.00
N PRO A 123 -12.83 17.02 6.32
CA PRO A 123 -13.95 17.29 7.19
C PRO A 123 -14.13 18.81 7.25
N VAL A 124 -15.02 19.26 8.13
CA VAL A 124 -15.20 20.68 8.26
C VAL A 124 -14.53 21.03 9.56
N ALA A 125 -13.69 22.06 9.52
CA ALA A 125 -12.96 22.52 10.69
C ALA A 125 -13.91 22.53 11.84
N ASP A 126 -13.59 21.75 12.84
CA ASP A 126 -14.43 21.64 14.01
C ASP A 126 -14.67 22.98 14.68
N ASP A 127 -13.96 24.01 14.22
CA ASP A 127 -14.12 25.34 14.76
C ASP A 127 -14.79 26.29 13.76
N CYS A 128 -15.47 25.76 12.75
CA CYS A 128 -16.15 26.60 11.79
C CYS A 128 -17.49 27.08 12.36
N PRO A 129 -17.94 28.27 11.95
CA PRO A 129 -19.21 28.79 12.46
C PRO A 129 -20.43 27.90 12.17
N THR A 130 -20.57 27.41 10.94
CA THR A 130 -21.69 26.54 10.59
C THR A 130 -21.20 25.16 10.21
N PRO A 131 -22.10 24.15 10.25
CA PRO A 131 -21.85 22.74 9.93
C PRO A 131 -21.21 22.45 8.55
N MET A 132 -21.27 23.43 7.64
CA MET A 132 -20.71 23.28 6.31
C MET A 132 -19.64 24.36 6.15
N GLY A 133 -19.12 24.84 7.25
CA GLY A 133 -18.11 25.87 7.18
C GLY A 133 -18.64 27.17 7.73
N VAL A 134 -19.18 28.00 6.82
CA VAL A 134 -19.74 29.30 7.18
C VAL A 134 -21.22 29.45 6.82
N LYS A 135 -21.63 28.76 5.74
CA LYS A 135 -23.00 28.81 5.23
C LYS A 135 -24.08 28.08 6.01
N GLY A 136 -25.23 28.75 6.12
CA GLY A 136 -26.36 28.15 6.78
C GLY A 136 -26.50 28.54 8.22
N ASN A 137 -27.20 27.70 8.98
CA ASN A 137 -27.43 28.01 10.37
C ASN A 137 -26.67 27.19 11.38
N LYS A 138 -26.63 27.71 12.59
CA LYS A 138 -25.96 27.06 13.71
C LYS A 138 -26.20 25.57 13.68
N GLU A 139 -27.40 25.19 13.26
CA GLU A 139 -27.76 23.78 13.19
C GLU A 139 -28.20 23.45 11.77
N LEU A 140 -28.45 22.16 11.54
CA LEU A 140 -28.85 21.63 10.27
C LEU A 140 -30.20 20.94 10.45
N PRO A 141 -31.08 20.96 9.41
CA PRO A 141 -32.41 20.35 9.39
C PRO A 141 -32.58 19.10 10.23
N ASP A 142 -33.69 19.02 10.95
CA ASP A 142 -33.95 17.86 11.74
C ASP A 142 -33.87 16.71 10.73
N SER A 143 -33.00 15.75 11.00
CA SER A 143 -32.83 14.62 10.11
C SER A 143 -34.14 13.84 9.94
N LYS A 144 -34.89 13.68 11.04
CA LYS A 144 -36.19 12.97 11.07
C LYS A 144 -37.16 13.71 10.16
N GLU A 145 -37.10 15.03 10.23
CA GLU A 145 -37.95 15.85 9.39
C GLU A 145 -37.58 15.54 7.96
N VAL A 146 -36.30 15.66 7.66
CA VAL A 146 -35.81 15.41 6.31
C VAL A 146 -36.05 13.99 5.82
N LEU A 147 -35.92 13.04 6.73
CA LEU A 147 -36.12 11.63 6.42
C LEU A 147 -37.52 11.43 5.85
N GLU A 148 -38.52 11.69 6.70
CA GLU A 148 -39.95 11.57 6.40
C GLU A 148 -40.44 12.32 5.18
N LYS A 149 -40.16 13.62 5.17
CA LYS A 149 -40.56 14.47 4.06
C LYS A 149 -40.07 14.03 2.69
N VAL A 150 -38.81 13.60 2.56
CA VAL A 150 -38.33 13.29 1.23
C VAL A 150 -37.73 11.92 0.98
N LEU A 151 -37.42 11.21 2.05
CA LEU A 151 -36.79 9.92 1.88
C LEU A 151 -37.72 8.76 2.05
N LEU A 152 -38.47 8.72 3.14
CA LEU A 152 -39.39 7.61 3.38
C LEU A 152 -40.32 7.30 2.21
N ARG A 153 -40.42 6.01 1.90
CA ARG A 153 -41.24 5.52 0.81
C ARG A 153 -42.72 5.51 1.13
N ARG A 154 -43.54 5.79 0.12
CA ARG A 154 -45.01 5.76 0.29
C ARG A 154 -45.46 4.56 -0.54
N GLU A 155 -45.53 4.76 -1.86
CA GLU A 155 -45.91 3.67 -2.75
C GLU A 155 -44.59 3.17 -3.34
N PHE A 156 -44.43 1.84 -3.37
CA PHE A 156 -43.20 1.27 -3.87
C PHE A 156 -42.91 1.71 -5.28
N ILE A 157 -41.71 2.24 -5.50
CA ILE A 157 -41.30 2.67 -6.83
C ILE A 157 -40.32 1.66 -7.36
N PRO A 158 -40.69 0.98 -8.46
CA PRO A 158 -39.82 -0.02 -9.05
C PRO A 158 -38.62 0.69 -9.68
N ASP A 159 -37.64 -0.09 -10.11
CA ASP A 159 -36.46 0.44 -10.71
C ASP A 159 -36.67 0.43 -12.21
N PRO A 160 -36.45 1.58 -12.84
CA PRO A 160 -36.63 1.60 -14.30
C PRO A 160 -35.61 0.75 -15.08
N GLN A 161 -34.54 0.27 -14.43
CA GLN A 161 -33.54 -0.52 -15.14
C GLN A 161 -33.75 -2.03 -15.06
N GLY A 162 -34.71 -2.45 -14.24
CA GLY A 162 -35.00 -3.87 -14.12
C GLY A 162 -34.11 -4.60 -13.15
N SER A 163 -33.46 -3.87 -12.27
CA SER A 163 -32.55 -4.47 -11.33
C SER A 163 -33.30 -5.38 -10.39
N ASN A 164 -33.10 -6.69 -10.53
CA ASN A 164 -33.77 -7.65 -9.67
C ASN A 164 -33.18 -7.78 -8.26
N MET A 165 -33.56 -8.84 -7.56
CA MET A 165 -33.05 -9.07 -6.22
C MET A 165 -31.62 -9.65 -6.27
N MET A 166 -31.32 -10.41 -7.33
CA MET A 166 -30.00 -10.97 -7.52
C MET A 166 -29.00 -9.82 -7.45
N PHE A 167 -29.35 -8.69 -8.05
CA PHE A 167 -28.47 -7.54 -8.02
C PHE A 167 -28.43 -6.99 -6.62
N ALA A 168 -29.58 -6.51 -6.12
CA ALA A 168 -29.65 -5.92 -4.80
C ALA A 168 -28.94 -6.72 -3.69
N PHE A 169 -29.12 -8.03 -3.68
CA PHE A 169 -28.44 -8.82 -2.68
C PHE A 169 -26.95 -8.99 -2.95
N PHE A 170 -26.57 -9.09 -4.24
CA PHE A 170 -25.17 -9.22 -4.66
C PHE A 170 -24.41 -8.03 -4.13
N ALA A 171 -24.85 -6.84 -4.50
CA ALA A 171 -24.22 -5.61 -4.04
C ALA A 171 -24.11 -5.53 -2.52
N GLN A 172 -25.10 -6.02 -1.80
CA GLN A 172 -25.01 -5.93 -0.37
C GLN A 172 -23.96 -6.89 0.19
N HIS A 173 -23.86 -8.07 -0.42
CA HIS A 173 -22.91 -9.07 0.01
C HIS A 173 -21.49 -8.66 -0.37
N PHE A 174 -21.33 -8.19 -1.61
CA PHE A 174 -20.04 -7.78 -2.16
C PHE A 174 -19.46 -6.62 -1.38
N THR A 175 -20.05 -5.43 -1.55
CA THR A 175 -19.56 -4.25 -0.87
C THR A 175 -19.37 -4.39 0.63
N HIS A 176 -19.91 -5.45 1.24
CA HIS A 176 -19.75 -5.60 2.67
C HIS A 176 -18.45 -6.26 3.13
N GLN A 177 -17.50 -6.33 2.21
CA GLN A 177 -16.19 -6.86 2.50
C GLN A 177 -15.39 -5.61 2.70
N PHE A 178 -15.57 -4.59 1.89
CA PHE A 178 -14.84 -3.38 2.18
C PHE A 178 -15.55 -2.40 3.12
N PHE A 179 -16.86 -2.26 3.05
CA PHE A 179 -17.54 -1.31 3.97
C PHE A 179 -17.81 -2.09 5.24
N LYS A 180 -17.07 -1.82 6.32
CA LYS A 180 -17.29 -2.58 7.56
C LYS A 180 -17.10 -1.77 8.81
N THR A 181 -17.49 -0.52 8.75
CA THR A 181 -17.40 0.41 9.89
C THR A 181 -17.16 -0.15 11.29
N ASP A 182 -16.12 0.35 11.93
CA ASP A 182 -15.77 -0.09 13.26
C ASP A 182 -16.56 0.77 14.20
N HIS A 183 -17.82 0.41 14.40
CA HIS A 183 -18.68 1.19 15.25
C HIS A 183 -18.22 1.39 16.68
N LYS A 184 -17.27 0.58 17.15
CA LYS A 184 -16.74 0.73 18.51
C LYS A 184 -15.85 1.96 18.49
N ARG A 185 -15.13 2.12 17.39
CA ARG A 185 -14.24 3.26 17.23
C ARG A 185 -15.06 4.46 16.78
N GLY A 186 -15.90 4.26 15.76
CA GLY A 186 -16.73 5.37 15.34
C GLY A 186 -16.97 5.46 13.87
N PRO A 187 -17.69 6.50 13.44
CA PRO A 187 -17.92 6.60 12.01
C PRO A 187 -16.56 7.13 11.55
N GLY A 188 -16.02 6.49 10.51
CA GLY A 188 -14.72 6.91 10.03
C GLY A 188 -13.77 5.73 10.12
N PHE A 189 -14.02 4.84 11.07
CA PHE A 189 -13.22 3.65 11.26
C PHE A 189 -13.78 2.45 10.52
N THR A 190 -12.91 1.55 10.12
CA THR A 190 -13.30 0.36 9.36
C THR A 190 -12.56 -0.84 9.94
N ARG A 191 -13.07 -2.04 9.71
CA ARG A 191 -12.41 -3.23 10.20
C ARG A 191 -11.88 -3.93 8.97
N GLY A 192 -12.11 -3.32 7.80
CA GLY A 192 -11.64 -3.87 6.55
C GLY A 192 -10.33 -3.23 6.18
N LEU A 193 -9.26 -3.70 6.81
CA LEU A 193 -7.91 -3.18 6.60
C LEU A 193 -7.36 -3.55 5.25
N GLY A 194 -8.03 -4.48 4.61
CA GLY A 194 -7.66 -4.93 3.29
C GLY A 194 -8.08 -3.90 2.25
N HIS A 195 -8.85 -2.92 2.72
CA HIS A 195 -9.36 -1.82 1.90
C HIS A 195 -9.63 -2.18 0.44
N GLY A 196 -10.39 -3.24 0.20
CA GLY A 196 -10.68 -3.59 -1.19
C GLY A 196 -11.25 -4.98 -1.36
N VAL A 197 -11.27 -5.42 -2.63
CA VAL A 197 -11.78 -6.73 -3.01
C VAL A 197 -10.80 -7.81 -2.55
N ASP A 198 -10.93 -8.26 -1.32
CA ASP A 198 -10.05 -9.29 -0.84
C ASP A 198 -10.80 -10.55 -0.41
N LEU A 199 -12.09 -10.61 -0.69
CA LEU A 199 -12.96 -11.72 -0.31
C LEU A 199 -12.82 -12.10 1.15
N ASN A 200 -12.63 -11.09 1.97
CA ASN A 200 -12.52 -11.34 3.38
C ASN A 200 -13.89 -11.74 3.87
N HIS A 201 -14.94 -11.25 3.20
CA HIS A 201 -16.27 -11.62 3.62
C HIS A 201 -16.48 -13.14 3.55
N ILE A 202 -15.65 -13.78 2.73
CA ILE A 202 -15.71 -15.22 2.55
C ILE A 202 -14.68 -15.94 3.40
N TYR A 203 -13.46 -15.42 3.41
CA TYR A 203 -12.38 -16.13 4.09
C TYR A 203 -12.01 -15.75 5.48
N GLY A 204 -12.36 -14.55 5.91
CA GLY A 204 -12.04 -14.13 7.26
C GLY A 204 -11.16 -12.89 7.25
N GLU A 205 -11.36 -12.03 8.23
CA GLU A 205 -10.57 -10.83 8.31
C GLU A 205 -9.16 -11.20 8.81
N THR A 206 -9.08 -12.23 9.65
CA THR A 206 -7.83 -12.67 10.24
C THR A 206 -7.51 -14.10 9.91
N LEU A 207 -6.23 -14.45 10.05
CA LEU A 207 -5.76 -15.80 9.76
C LEU A 207 -6.38 -16.74 10.73
N ASP A 208 -6.63 -16.23 11.94
CA ASP A 208 -7.23 -17.02 12.98
C ASP A 208 -8.53 -17.56 12.47
N ARG A 209 -9.40 -16.63 12.07
CA ARG A 209 -10.73 -16.93 11.55
C ARG A 209 -10.59 -17.78 10.33
N GLN A 210 -9.82 -17.31 9.37
CA GLN A 210 -9.61 -18.03 8.14
C GLN A 210 -9.29 -19.49 8.41
N HIS A 211 -8.50 -19.77 9.45
CA HIS A 211 -8.20 -21.16 9.76
C HIS A 211 -9.38 -21.88 10.36
N LYS A 212 -10.15 -21.17 11.18
CA LYS A 212 -11.35 -21.72 11.80
C LYS A 212 -12.32 -22.16 10.69
N LEU A 213 -12.29 -21.44 9.58
CA LEU A 213 -13.19 -21.75 8.49
C LEU A 213 -12.64 -22.78 7.54
N ARG A 214 -11.39 -23.18 7.73
CA ARG A 214 -10.76 -24.09 6.78
C ARG A 214 -10.79 -25.58 6.97
N LEU A 215 -10.87 -26.29 5.87
CA LEU A 215 -10.93 -27.73 5.96
C LEU A 215 -9.55 -28.27 6.22
N PHE A 216 -8.58 -27.69 5.51
CA PHE A 216 -7.18 -28.08 5.60
C PHE A 216 -6.99 -29.41 4.89
N LYS A 217 -7.84 -29.66 3.89
CA LYS A 217 -7.78 -30.87 3.08
C LYS A 217 -8.18 -30.42 1.70
N ASP A 218 -7.46 -30.84 0.68
CA ASP A 218 -7.78 -30.41 -0.69
C ASP A 218 -7.81 -28.88 -0.93
N GLY A 219 -7.50 -28.11 0.11
CA GLY A 219 -7.50 -26.67 -0.01
C GLY A 219 -8.88 -26.11 0.20
N LYS A 220 -9.79 -27.00 0.56
CA LYS A 220 -11.19 -26.72 0.74
C LYS A 220 -11.56 -25.96 1.97
N LEU A 221 -12.73 -25.33 1.87
CA LEU A 221 -13.34 -24.51 2.92
C LEU A 221 -14.22 -25.51 3.68
N LYS A 222 -14.34 -25.33 4.99
CA LYS A 222 -15.13 -26.24 5.84
C LYS A 222 -16.57 -26.10 5.44
N TYR A 223 -17.37 -27.14 5.60
CA TYR A 223 -18.78 -27.06 5.21
C TYR A 223 -19.64 -28.19 5.79
N GLN A 224 -20.97 -28.05 5.71
CA GLN A 224 -21.92 -29.07 6.20
C GLN A 224 -22.91 -29.42 5.10
N VAL A 225 -23.54 -30.59 5.23
CA VAL A 225 -24.51 -31.03 4.24
C VAL A 225 -25.85 -31.32 4.90
N ILE A 226 -26.81 -30.43 4.65
CA ILE A 226 -28.15 -30.55 5.19
C ILE A 226 -29.09 -30.97 4.07
N GLY A 227 -29.56 -32.20 4.14
CA GLY A 227 -30.45 -32.73 3.11
C GLY A 227 -29.80 -32.84 1.75
N GLY A 228 -28.54 -33.32 1.72
CA GLY A 228 -27.83 -33.46 0.45
C GLY A 228 -27.35 -32.18 -0.23
N GLU A 229 -27.52 -31.04 0.43
CA GLU A 229 -27.11 -29.76 -0.08
C GLU A 229 -25.96 -29.23 0.80
N VAL A 230 -25.08 -28.48 0.18
CA VAL A 230 -23.92 -27.92 0.84
C VAL A 230 -24.17 -26.51 1.41
N TYR A 231 -24.07 -26.37 2.73
CA TYR A 231 -24.26 -25.07 3.36
C TYR A 231 -23.05 -24.84 4.23
N PRO A 232 -22.84 -23.58 4.66
CA PRO A 232 -21.70 -23.22 5.51
C PRO A 232 -21.67 -24.10 6.76
N PRO A 233 -20.51 -24.18 7.46
CA PRO A 233 -20.40 -24.99 8.67
C PRO A 233 -21.12 -24.29 9.80
N THR A 234 -21.21 -24.91 10.96
CA THR A 234 -21.92 -24.26 12.05
C THR A 234 -20.99 -23.48 12.94
N VAL A 235 -21.58 -22.54 13.66
CA VAL A 235 -20.83 -21.71 14.60
C VAL A 235 -20.42 -22.54 15.80
N LYS A 236 -20.76 -23.83 15.81
CA LYS A 236 -20.36 -24.69 16.91
C LYS A 236 -19.27 -25.67 16.43
N ASP A 237 -19.30 -26.03 15.15
CA ASP A 237 -18.29 -26.93 14.59
C ASP A 237 -17.00 -26.09 14.54
N THR A 238 -17.00 -25.10 13.67
CA THR A 238 -15.86 -24.19 13.57
C THR A 238 -16.14 -23.36 14.80
N GLN A 239 -15.18 -22.60 15.27
CA GLN A 239 -15.53 -21.84 16.44
C GLN A 239 -15.62 -20.36 16.15
N VAL A 240 -15.89 -20.04 14.88
CA VAL A 240 -15.97 -18.65 14.45
C VAL A 240 -17.20 -17.87 14.85
N GLU A 241 -17.02 -16.79 15.59
CA GLU A 241 -18.12 -15.94 16.03
C GLU A 241 -18.93 -15.36 14.90
N MET A 242 -20.24 -15.30 15.15
CA MET A 242 -21.18 -14.79 14.18
C MET A 242 -22.23 -13.97 14.93
N ILE A 243 -22.98 -13.16 14.21
CA ILE A 243 -24.06 -12.38 14.81
C ILE A 243 -25.42 -13.07 14.50
N TYR A 244 -25.94 -13.76 15.52
CA TYR A 244 -27.20 -14.50 15.49
C TYR A 244 -27.91 -14.31 16.82
N PRO A 245 -29.19 -13.99 16.80
CA PRO A 245 -29.88 -13.80 18.08
C PRO A 245 -30.01 -15.17 18.73
N PRO A 246 -29.97 -15.21 20.06
CA PRO A 246 -30.07 -16.41 20.88
C PRO A 246 -31.17 -17.38 20.47
N HIS A 247 -32.25 -16.84 19.92
CA HIS A 247 -33.36 -17.68 19.50
C HIS A 247 -33.05 -18.29 18.13
N ILE A 248 -31.79 -18.69 17.94
CA ILE A 248 -31.34 -19.28 16.67
C ILE A 248 -30.75 -20.69 16.84
N PRO A 249 -31.34 -21.71 16.18
CA PRO A 249 -30.88 -23.11 16.22
C PRO A 249 -29.40 -23.29 15.88
N GLU A 250 -28.79 -24.28 16.52
CA GLU A 250 -27.38 -24.59 16.33
C GLU A 250 -27.10 -24.73 14.85
N ASN A 251 -27.85 -25.62 14.22
CA ASN A 251 -27.73 -25.91 12.79
C ASN A 251 -28.04 -24.71 11.92
N LEU A 252 -28.61 -23.70 12.53
CA LEU A 252 -28.99 -22.48 11.84
C LEU A 252 -27.83 -21.50 11.80
N GLN A 253 -27.02 -21.50 12.85
CA GLN A 253 -25.87 -20.60 12.90
C GLN A 253 -24.76 -20.95 11.90
N PHE A 254 -24.85 -20.36 10.72
CA PHE A 254 -23.89 -20.57 9.66
C PHE A 254 -22.66 -19.73 9.99
N ALA A 255 -21.48 -20.26 9.64
CA ALA A 255 -20.18 -19.62 9.90
C ALA A 255 -19.74 -18.58 8.89
N VAL A 256 -19.52 -19.02 7.68
CA VAL A 256 -19.17 -18.12 6.60
C VAL A 256 -17.97 -17.16 6.58
N GLY A 257 -17.75 -16.28 7.56
CA GLY A 257 -16.59 -15.46 7.39
C GLY A 257 -16.83 -14.04 7.72
N GLN A 258 -17.75 -13.40 7.04
CA GLN A 258 -18.06 -12.03 7.43
C GLN A 258 -18.99 -12.22 8.65
N GLU A 259 -18.61 -11.65 9.79
CA GLU A 259 -19.41 -11.82 11.01
C GLU A 259 -20.86 -11.39 11.00
N VAL A 260 -21.30 -10.71 9.94
CA VAL A 260 -22.67 -10.22 9.88
C VAL A 260 -23.64 -10.83 8.86
N PHE A 261 -23.11 -11.51 7.85
CA PHE A 261 -23.91 -12.12 6.82
C PHE A 261 -24.95 -13.14 7.25
N GLY A 262 -25.05 -13.43 8.55
CA GLY A 262 -26.04 -14.40 9.01
C GLY A 262 -27.43 -13.80 9.28
N LEU A 263 -27.48 -12.48 9.38
CA LEU A 263 -28.73 -11.77 9.66
C LEU A 263 -29.71 -11.57 8.47
N VAL A 264 -29.40 -12.09 7.28
CA VAL A 264 -30.27 -11.91 6.11
C VAL A 264 -30.08 -13.01 5.07
N PRO A 265 -31.08 -13.84 4.90
CA PRO A 265 -31.03 -14.94 3.93
C PRO A 265 -30.53 -14.52 2.55
N GLY A 266 -30.62 -13.25 2.19
CA GLY A 266 -30.10 -12.86 0.89
C GLY A 266 -28.60 -13.12 0.93
N LEU A 267 -27.94 -12.54 1.93
CA LEU A 267 -26.50 -12.67 2.16
C LEU A 267 -26.08 -14.13 2.18
N MET A 268 -26.58 -14.87 3.15
CA MET A 268 -26.25 -16.28 3.31
C MET A 268 -26.50 -17.09 2.06
N MET A 269 -27.28 -16.56 1.13
CA MET A 269 -27.56 -17.28 -0.12
C MET A 269 -26.29 -17.21 -0.96
N TYR A 270 -25.78 -16.01 -1.11
CA TYR A 270 -24.57 -15.82 -1.88
C TYR A 270 -23.39 -16.44 -1.12
N ALA A 271 -23.43 -16.38 0.21
CA ALA A 271 -22.37 -16.95 1.04
C ALA A 271 -22.21 -18.39 0.64
N THR A 272 -23.30 -19.14 0.67
CA THR A 272 -23.29 -20.54 0.30
C THR A 272 -22.91 -20.74 -1.16
N ILE A 273 -23.09 -19.72 -1.99
CA ILE A 273 -22.75 -19.90 -3.38
C ILE A 273 -21.24 -19.84 -3.53
N TRP A 274 -20.62 -18.82 -2.95
CA TRP A 274 -19.18 -18.70 -3.05
C TRP A 274 -18.51 -19.83 -2.29
N LEU A 275 -19.01 -20.16 -1.12
CA LEU A 275 -18.44 -21.26 -0.36
C LEU A 275 -18.42 -22.51 -1.24
N ARG A 276 -19.36 -22.62 -2.17
CA ARG A 276 -19.36 -23.77 -3.05
C ARG A 276 -18.32 -23.56 -4.15
N GLU A 277 -18.22 -22.34 -4.68
CA GLU A 277 -17.27 -22.01 -5.72
C GLU A 277 -15.85 -22.29 -5.23
N HIS A 278 -15.50 -21.82 -4.05
CA HIS A 278 -14.16 -22.10 -3.54
C HIS A 278 -13.90 -23.59 -3.77
N GLN A 279 -14.55 -24.45 -3.01
CA GLN A 279 -14.43 -25.87 -3.17
C GLN A 279 -14.39 -26.36 -4.63
N ARG A 280 -15.19 -25.76 -5.48
CA ARG A 280 -15.25 -26.19 -6.85
C ARG A 280 -13.88 -26.02 -7.49
N VAL A 281 -13.37 -24.79 -7.48
CA VAL A 281 -12.07 -24.46 -8.05
C VAL A 281 -10.97 -25.32 -7.40
N CYS A 282 -11.14 -25.63 -6.13
CA CYS A 282 -10.20 -26.48 -5.43
C CYS A 282 -10.07 -27.79 -6.17
N ASP A 283 -11.20 -28.31 -6.65
CA ASP A 283 -11.19 -29.57 -7.37
C ASP A 283 -10.53 -29.33 -8.74
N ILE A 284 -10.97 -28.27 -9.41
CA ILE A 284 -10.40 -27.95 -10.69
C ILE A 284 -8.90 -27.85 -10.56
N LEU A 285 -8.40 -27.51 -9.38
CA LEU A 285 -6.97 -27.39 -9.20
C LEU A 285 -6.34 -28.73 -8.82
N LYS A 286 -6.87 -29.41 -7.82
CA LYS A 286 -6.29 -30.68 -7.41
C LYS A 286 -6.00 -31.60 -8.58
N GLN A 287 -6.93 -31.76 -9.49
CA GLN A 287 -6.56 -32.66 -10.55
C GLN A 287 -5.95 -32.03 -11.73
N GLU A 288 -5.24 -30.95 -11.44
CA GLU A 288 -4.48 -30.16 -12.40
C GLU A 288 -3.10 -30.06 -11.75
N HIS A 289 -3.07 -30.31 -10.45
CA HIS A 289 -1.87 -30.27 -9.66
C HIS A 289 -2.04 -31.26 -8.54
N PRO A 290 -2.17 -32.53 -8.90
CA PRO A 290 -2.36 -33.64 -7.97
C PRO A 290 -1.29 -33.63 -6.91
N GLU A 291 -0.18 -33.00 -7.30
CA GLU A 291 1.00 -32.88 -6.48
C GLU A 291 1.05 -31.66 -5.61
N TRP A 292 -0.04 -30.90 -5.56
CA TRP A 292 -0.11 -29.69 -4.73
C TRP A 292 -0.56 -30.08 -3.35
N GLY A 293 -0.17 -29.30 -2.35
CA GLY A 293 -0.59 -29.60 -0.99
C GLY A 293 -1.77 -28.72 -0.68
N ASP A 294 -2.29 -28.80 0.53
CA ASP A 294 -3.45 -27.99 0.91
C ASP A 294 -3.25 -26.49 0.64
N GLU A 295 -2.39 -25.84 1.41
CA GLU A 295 -2.18 -24.42 1.27
C GLU A 295 -2.18 -23.83 -0.09
N GLN A 296 -1.47 -24.44 -1.02
CA GLN A 296 -1.43 -23.82 -2.30
C GLN A 296 -2.78 -23.91 -2.94
N LEU A 297 -3.43 -25.06 -2.85
CA LEU A 297 -4.76 -25.22 -3.40
C LEU A 297 -5.61 -24.10 -2.82
N PHE A 298 -5.61 -23.94 -1.49
CA PHE A 298 -6.36 -22.87 -0.87
C PHE A 298 -5.95 -21.55 -1.49
N GLN A 299 -4.81 -21.02 -1.05
CA GLN A 299 -4.30 -19.73 -1.50
C GLN A 299 -4.47 -19.42 -2.98
N THR A 300 -4.39 -20.45 -3.84
CA THR A 300 -4.55 -20.27 -5.31
C THR A 300 -6.02 -19.96 -5.58
N SER A 301 -6.87 -20.88 -5.12
CA SER A 301 -8.31 -20.76 -5.22
C SER A 301 -8.72 -19.34 -4.77
N LYS A 302 -8.34 -18.92 -3.55
CA LYS A 302 -8.69 -17.57 -3.08
C LYS A 302 -8.30 -16.52 -4.08
N LEU A 303 -7.25 -16.78 -4.82
CA LEU A 303 -6.80 -15.82 -5.82
C LEU A 303 -7.75 -15.79 -7.01
N ILE A 304 -8.13 -16.98 -7.48
CA ILE A 304 -9.03 -17.08 -8.61
C ILE A 304 -10.38 -16.45 -8.28
N LEU A 305 -10.92 -16.69 -7.09
CA LEU A 305 -12.21 -16.09 -6.73
C LEU A 305 -12.12 -14.58 -6.76
N ILE A 306 -11.02 -14.02 -6.28
CA ILE A 306 -10.90 -12.57 -6.34
C ILE A 306 -10.93 -12.15 -7.80
N GLY A 307 -10.57 -13.07 -8.69
CA GLY A 307 -10.56 -12.71 -10.09
C GLY A 307 -11.97 -12.69 -10.57
N GLU A 308 -12.68 -13.78 -10.32
CA GLU A 308 -14.07 -13.92 -10.73
C GLU A 308 -14.86 -12.71 -10.23
N THR A 309 -14.85 -12.51 -8.91
CA THR A 309 -15.53 -11.40 -8.29
C THR A 309 -15.32 -10.14 -9.09
N ILE A 310 -14.09 -9.83 -9.42
CA ILE A 310 -13.84 -8.63 -10.16
C ILE A 310 -14.40 -8.70 -11.59
N LYS A 311 -14.28 -9.84 -12.24
CA LYS A 311 -14.75 -10.01 -13.61
C LYS A 311 -16.27 -9.83 -13.67
N ILE A 312 -16.97 -10.43 -12.72
CA ILE A 312 -18.42 -10.29 -12.64
C ILE A 312 -18.73 -8.79 -12.36
N VAL A 313 -18.42 -8.29 -11.19
CA VAL A 313 -18.67 -6.89 -10.87
C VAL A 313 -18.39 -5.91 -12.01
N ILE A 314 -17.45 -6.20 -12.90
CA ILE A 314 -17.21 -5.26 -14.00
C ILE A 314 -18.05 -5.57 -15.22
N GLU A 315 -18.13 -6.85 -15.58
CA GLU A 315 -18.87 -7.27 -16.76
C GLU A 315 -20.39 -7.54 -16.71
N ASP A 316 -20.89 -7.84 -15.52
CA ASP A 316 -22.31 -8.06 -15.29
C ASP A 316 -22.76 -6.82 -14.52
N TYR A 317 -22.59 -6.86 -13.19
CA TYR A 317 -22.92 -5.76 -12.28
C TYR A 317 -22.80 -4.40 -12.92
N VAL A 318 -21.62 -3.81 -12.90
CA VAL A 318 -21.47 -2.46 -13.48
C VAL A 318 -22.12 -2.30 -14.86
N GLN A 319 -22.02 -3.31 -15.71
CA GLN A 319 -22.59 -3.23 -17.06
C GLN A 319 -24.05 -2.90 -16.94
N HIS A 320 -24.75 -3.70 -16.14
CA HIS A 320 -26.18 -3.52 -15.95
C HIS A 320 -26.47 -2.17 -15.35
N LEU A 321 -25.99 -1.99 -14.12
CA LEU A 321 -26.17 -0.76 -13.39
C LEU A 321 -25.87 0.51 -14.24
N SER A 322 -25.21 0.38 -15.38
CA SER A 322 -24.91 1.57 -16.17
C SER A 322 -25.81 1.75 -17.36
N GLY A 323 -26.36 0.64 -17.82
CA GLY A 323 -27.21 0.67 -18.99
C GLY A 323 -26.47 1.08 -20.26
N TYR A 324 -25.15 1.12 -20.18
CA TYR A 324 -24.30 1.50 -21.30
C TYR A 324 -24.52 0.49 -22.38
N HIS A 325 -24.36 0.93 -23.61
CA HIS A 325 -24.49 0.05 -24.76
C HIS A 325 -23.14 -0.51 -25.09
N PHE A 326 -22.11 0.22 -24.66
CA PHE A 326 -20.75 -0.23 -24.86
C PHE A 326 -20.54 -1.39 -23.86
N LYS A 327 -19.89 -2.46 -24.30
CA LYS A 327 -19.68 -3.63 -23.45
C LYS A 327 -18.40 -3.52 -22.60
N LEU A 328 -18.56 -3.10 -21.35
CA LEU A 328 -17.44 -2.97 -20.41
C LEU A 328 -16.62 -4.24 -20.45
N LYS A 329 -15.33 -4.09 -20.09
CA LYS A 329 -14.35 -5.18 -20.16
C LYS A 329 -13.39 -5.16 -18.97
N PHE A 330 -13.11 -6.35 -18.44
CA PHE A 330 -12.14 -6.48 -17.35
C PHE A 330 -10.87 -6.95 -18.07
N ASP A 331 -9.88 -6.06 -18.18
CA ASP A 331 -8.63 -6.40 -18.84
C ASP A 331 -7.50 -5.63 -18.21
N PRO A 332 -6.86 -6.23 -17.20
CA PRO A 332 -5.74 -5.61 -16.50
C PRO A 332 -4.69 -5.04 -17.49
N GLU A 333 -4.48 -5.77 -18.59
CA GLU A 333 -3.55 -5.39 -19.62
C GLU A 333 -3.79 -4.06 -20.30
N LEU A 334 -4.88 -3.37 -19.97
CA LEU A 334 -5.18 -2.09 -20.63
C LEU A 334 -4.55 -0.94 -19.89
N LEU A 335 -4.28 -1.16 -18.61
CA LEU A 335 -3.69 -0.11 -17.81
C LEU A 335 -2.17 -0.24 -17.76
N PHE A 336 -1.65 -1.31 -18.36
CA PHE A 336 -0.22 -1.56 -18.37
C PHE A 336 0.60 -0.37 -18.90
N ASN A 337 0.38 0.04 -20.13
CA ASN A 337 1.14 1.17 -20.66
C ASN A 337 0.70 2.48 -20.02
N GLN A 338 -0.09 2.40 -18.94
CA GLN A 338 -0.58 3.60 -18.28
C GLN A 338 -0.08 3.82 -16.87
N GLN A 339 -0.04 5.10 -16.48
CA GLN A 339 0.33 5.43 -15.13
C GLN A 339 -0.87 4.91 -14.33
N PHE A 340 -0.66 4.36 -13.13
CA PHE A 340 -1.78 3.86 -12.35
C PHE A 340 -1.23 3.33 -11.04
N GLN A 341 -1.92 3.57 -9.94
CA GLN A 341 -1.45 3.06 -8.68
C GLN A 341 -2.15 1.75 -8.31
N TYR A 342 -1.41 0.66 -8.17
CA TYR A 342 -2.03 -0.58 -7.83
C TYR A 342 -2.20 -0.67 -6.33
N GLN A 343 -2.94 0.29 -5.79
CA GLN A 343 -3.21 0.30 -4.37
C GLN A 343 -4.56 0.98 -4.17
N ASN A 344 -5.22 0.73 -3.03
CA ASN A 344 -6.53 1.33 -2.76
C ASN A 344 -6.89 1.52 -1.27
N ARG A 345 -7.56 2.64 -0.94
CA ARG A 345 -8.02 2.96 0.43
C ARG A 345 -9.48 3.39 0.34
N ILE A 346 -10.41 2.73 1.04
CA ILE A 346 -11.80 3.13 0.89
C ILE A 346 -12.23 4.35 1.68
N ALA A 347 -12.82 5.29 0.94
CA ALA A 347 -13.29 6.56 1.49
C ALA A 347 -14.64 6.50 2.18
N SER A 348 -14.90 7.41 3.12
CA SER A 348 -16.22 7.45 3.77
C SER A 348 -17.22 7.66 2.62
N GLU A 349 -17.07 8.78 1.90
CA GLU A 349 -17.95 9.15 0.80
C GLU A 349 -18.37 8.02 -0.13
N PHE A 350 -17.54 6.99 -0.25
CA PHE A 350 -17.90 5.87 -1.10
C PHE A 350 -18.83 4.96 -0.33
N ASN A 351 -18.55 4.79 0.94
CA ASN A 351 -19.38 3.99 1.82
C ASN A 351 -20.79 4.59 1.80
N THR A 352 -20.87 5.89 2.14
CA THR A 352 -22.11 6.68 2.19
C THR A 352 -23.01 6.56 0.96
N LEU A 353 -22.55 7.03 -0.19
CA LEU A 353 -23.34 6.93 -1.41
C LEU A 353 -23.81 5.51 -1.72
N TYR A 354 -23.12 4.50 -1.19
CA TYR A 354 -23.50 3.12 -1.43
C TYR A 354 -24.57 2.61 -0.48
N HIS A 355 -25.23 3.50 0.26
CA HIS A 355 -26.35 3.09 1.13
C HIS A 355 -27.64 3.01 0.28
N TRP A 356 -27.69 2.05 -0.65
CA TRP A 356 -28.81 1.86 -1.55
C TRP A 356 -29.95 1.09 -0.96
N HIS A 357 -30.39 1.49 0.22
CA HIS A 357 -31.51 0.80 0.86
C HIS A 357 -32.77 0.87 -0.04
N PRO A 358 -32.98 1.98 -0.76
CA PRO A 358 -34.15 2.07 -1.65
C PRO A 358 -34.35 0.80 -2.47
N LEU A 359 -33.27 0.18 -2.91
CA LEU A 359 -33.37 -1.04 -3.73
C LEU A 359 -34.27 -2.10 -3.10
N LEU A 360 -34.32 -2.09 -1.78
CA LEU A 360 -35.10 -3.05 -1.04
C LEU A 360 -36.59 -2.99 -1.28
N PRO A 361 -37.21 -4.16 -1.46
CA PRO A 361 -38.64 -4.27 -1.70
C PRO A 361 -39.40 -4.14 -0.39
N ASP A 362 -40.72 -4.23 -0.45
CA ASP A 362 -41.59 -4.12 0.70
C ASP A 362 -41.74 -5.46 1.35
N THR A 363 -41.62 -6.48 0.53
CA THR A 363 -41.70 -7.85 0.98
C THR A 363 -40.72 -8.69 0.18
N PHE A 364 -40.39 -9.85 0.73
CA PHE A 364 -39.48 -10.74 0.05
C PHE A 364 -40.25 -11.95 -0.36
N ASN A 365 -40.64 -11.92 -1.62
CA ASN A 365 -41.43 -12.96 -2.21
C ASN A 365 -40.54 -14.04 -2.78
N ILE A 366 -40.54 -15.19 -2.13
CA ILE A 366 -39.75 -16.29 -2.65
C ILE A 366 -40.79 -17.22 -3.28
N GLU A 367 -41.36 -16.67 -4.35
CA GLU A 367 -42.41 -17.27 -5.19
C GLU A 367 -43.17 -18.37 -4.50
N ASP A 368 -44.42 -18.02 -4.19
CA ASP A 368 -45.37 -18.87 -3.49
C ASP A 368 -45.21 -18.52 -2.03
N GLN A 369 -44.78 -17.29 -1.76
CA GLN A 369 -44.65 -16.80 -0.40
C GLN A 369 -44.33 -15.33 -0.36
N GLU A 370 -44.47 -14.72 0.80
CA GLU A 370 -44.21 -13.29 0.95
C GLU A 370 -43.80 -13.00 2.40
N TYR A 371 -42.60 -12.43 2.56
CA TYR A 371 -42.10 -12.17 3.91
C TYR A 371 -41.94 -10.71 4.23
N SER A 372 -42.28 -10.39 5.47
CA SER A 372 -42.12 -9.05 5.95
C SER A 372 -40.67 -9.06 6.40
N PHE A 373 -40.01 -7.89 6.42
CA PHE A 373 -38.63 -7.81 6.87
C PHE A 373 -38.55 -8.55 8.20
N LYS A 374 -39.44 -8.21 9.11
CA LYS A 374 -39.49 -8.82 10.43
C LYS A 374 -39.23 -10.32 10.40
N GLN A 375 -39.70 -10.99 9.36
CA GLN A 375 -39.52 -12.45 9.29
C GLN A 375 -38.44 -12.95 8.32
N PHE A 376 -37.89 -12.05 7.50
CA PHE A 376 -36.82 -12.42 6.59
C PHE A 376 -35.53 -12.38 7.38
N LEU A 377 -35.35 -11.28 8.11
CA LEU A 377 -34.16 -11.10 8.91
C LEU A 377 -33.79 -12.26 9.79
N TYR A 378 -32.50 -12.61 9.69
CA TYR A 378 -31.82 -13.71 10.37
C TYR A 378 -32.60 -14.98 10.59
N ASN A 379 -33.19 -15.49 9.49
CA ASN A 379 -33.98 -16.71 9.51
C ASN A 379 -33.26 -17.93 8.87
N ASN A 380 -33.12 -19.01 9.64
CA ASN A 380 -32.48 -20.27 9.18
C ASN A 380 -33.31 -20.74 7.99
N SER A 381 -34.51 -21.14 8.37
CA SER A 381 -35.55 -21.71 7.54
C SER A 381 -35.67 -21.29 6.08
N ILE A 382 -36.13 -20.07 5.83
CA ILE A 382 -36.33 -19.58 4.48
C ILE A 382 -35.34 -20.13 3.44
N LEU A 383 -34.04 -20.13 3.77
CA LEU A 383 -33.04 -20.66 2.85
C LEU A 383 -33.12 -22.17 2.85
N LEU A 384 -33.06 -22.76 4.02
CA LEU A 384 -33.13 -24.19 4.15
C LEU A 384 -34.35 -24.75 3.49
N GLU A 385 -35.46 -24.04 3.58
CA GLU A 385 -36.74 -24.48 3.02
C GLU A 385 -36.85 -24.36 1.52
N HIS A 386 -36.60 -23.17 1.00
CA HIS A 386 -36.72 -22.98 -0.43
C HIS A 386 -35.54 -23.52 -1.19
N GLY A 387 -34.37 -23.42 -0.55
CA GLY A 387 -33.12 -23.87 -1.15
C GLY A 387 -32.57 -22.84 -2.11
N LEU A 388 -31.34 -23.05 -2.56
CA LEU A 388 -30.74 -22.10 -3.48
C LEU A 388 -31.47 -22.04 -4.80
N THR A 389 -31.97 -23.17 -5.31
CA THR A 389 -32.68 -23.13 -6.59
C THR A 389 -33.89 -22.21 -6.56
N GLN A 390 -34.90 -22.60 -5.79
CA GLN A 390 -36.07 -21.76 -5.68
C GLN A 390 -35.71 -20.71 -4.66
N PHE A 391 -34.96 -19.73 -5.14
CA PHE A 391 -34.48 -18.62 -4.35
C PHE A 391 -33.81 -17.85 -5.47
N VAL A 392 -33.03 -18.55 -6.29
CA VAL A 392 -32.37 -17.92 -7.42
C VAL A 392 -33.52 -17.63 -8.35
N GLU A 393 -34.40 -18.61 -8.55
CA GLU A 393 -35.58 -18.41 -9.41
C GLU A 393 -36.46 -17.28 -8.83
N SER A 394 -36.91 -17.45 -7.60
CA SER A 394 -37.73 -16.46 -6.94
C SER A 394 -37.17 -15.05 -6.88
N PHE A 395 -35.87 -14.89 -7.07
CA PHE A 395 -35.25 -13.58 -6.99
C PHE A 395 -34.90 -12.94 -8.29
N THR A 396 -34.57 -13.74 -9.30
CA THR A 396 -34.27 -13.17 -10.60
C THR A 396 -35.57 -12.42 -10.94
N ARG A 397 -36.68 -13.08 -10.61
CA ARG A 397 -38.06 -12.60 -10.77
C ARG A 397 -38.45 -11.78 -9.53
N GLN A 398 -38.14 -10.49 -9.52
CA GLN A 398 -38.50 -9.58 -8.44
C GLN A 398 -37.72 -8.33 -8.57
N ILE A 399 -38.42 -7.27 -8.99
CA ILE A 399 -37.85 -5.97 -9.22
C ILE A 399 -37.53 -5.32 -7.92
N ALA A 400 -36.54 -4.46 -7.98
CA ALA A 400 -36.05 -3.74 -6.83
C ALA A 400 -36.44 -2.28 -7.00
N GLY A 401 -36.24 -1.51 -5.92
CA GLY A 401 -36.57 -0.11 -5.86
C GLY A 401 -35.80 0.79 -6.79
N ARG A 402 -35.88 2.08 -6.54
CA ARG A 402 -35.19 3.05 -7.36
C ARG A 402 -34.53 3.97 -6.35
N VAL A 403 -33.22 4.14 -6.48
CA VAL A 403 -32.45 4.94 -5.53
C VAL A 403 -32.59 6.44 -5.69
N ALA A 404 -32.29 6.94 -6.88
CA ALA A 404 -32.36 8.37 -7.10
C ALA A 404 -33.76 8.90 -7.43
N GLY A 405 -34.79 8.21 -6.98
CA GLY A 405 -36.12 8.71 -7.24
C GLY A 405 -36.47 9.81 -6.24
N GLY A 406 -36.83 9.34 -5.06
CA GLY A 406 -37.19 10.18 -3.95
C GLY A 406 -38.12 9.27 -3.17
N ARG A 407 -38.36 9.59 -1.91
CA ARG A 407 -39.29 8.83 -1.07
C ARG A 407 -39.36 7.35 -1.42
N ASN A 408 -38.27 6.61 -1.31
CA ASN A 408 -38.35 5.17 -1.60
C ASN A 408 -37.72 4.27 -0.53
N VAL A 409 -37.21 4.85 0.54
CA VAL A 409 -36.60 4.08 1.59
C VAL A 409 -37.66 3.29 2.35
N PRO A 410 -37.52 1.94 2.42
CA PRO A 410 -38.53 1.19 3.15
C PRO A 410 -38.57 1.74 4.56
N ILE A 411 -39.75 1.80 5.15
CA ILE A 411 -39.91 2.31 6.49
C ILE A 411 -39.11 1.45 7.46
N ALA A 412 -39.06 0.14 7.23
CA ALA A 412 -38.34 -0.78 8.12
C ALA A 412 -36.89 -0.28 8.33
N VAL A 413 -36.26 -0.07 7.20
CA VAL A 413 -34.92 0.39 7.10
C VAL A 413 -34.83 1.87 7.46
N GLN A 414 -35.92 2.48 7.89
CA GLN A 414 -35.88 3.91 8.20
C GLN A 414 -34.85 4.31 9.24
N ALA A 415 -34.66 3.48 10.26
CA ALA A 415 -33.71 3.79 11.32
C ALA A 415 -32.33 3.98 10.70
N VAL A 416 -31.96 3.05 9.83
CA VAL A 416 -30.68 3.10 9.15
C VAL A 416 -30.55 4.45 8.41
N ALA A 417 -31.32 4.62 7.35
CA ALA A 417 -31.30 5.85 6.59
C ALA A 417 -31.15 7.12 7.42
N LYS A 418 -31.77 7.14 8.60
CA LYS A 418 -31.65 8.34 9.42
C LYS A 418 -30.22 8.42 9.89
N ALA A 419 -29.76 7.34 10.53
CA ALA A 419 -28.37 7.20 11.00
C ALA A 419 -27.41 7.75 9.94
N SER A 420 -27.55 7.24 8.71
CA SER A 420 -26.72 7.70 7.60
C SER A 420 -26.71 9.20 7.53
N ILE A 421 -27.87 9.81 7.69
CA ILE A 421 -27.98 11.25 7.64
C ILE A 421 -27.31 11.86 8.84
N ASP A 422 -27.52 11.30 10.02
CA ASP A 422 -26.90 11.92 11.17
C ASP A 422 -25.52 11.36 11.64
N GLN A 423 -24.90 10.55 10.80
CA GLN A 423 -23.58 10.01 11.07
C GLN A 423 -22.64 10.84 10.19
N SER A 424 -23.00 10.97 8.92
CA SER A 424 -22.20 11.76 7.98
C SER A 424 -22.10 13.16 8.56
N ARG A 425 -23.05 13.47 9.40
CA ARG A 425 -23.11 14.77 10.05
C ARG A 425 -22.02 14.74 11.08
N GLU A 426 -21.90 13.60 11.75
CA GLU A 426 -20.90 13.39 12.79
C GLU A 426 -19.53 13.60 12.19
N MET A 427 -19.30 12.92 11.08
CA MET A 427 -18.03 12.98 10.38
C MET A 427 -17.89 14.27 9.63
N LYS A 428 -18.29 15.38 10.25
CA LYS A 428 -18.28 16.72 9.64
C LYS A 428 -18.10 16.87 8.11
N TYR A 429 -19.01 16.25 7.33
CA TYR A 429 -18.98 16.30 5.87
C TYR A 429 -19.24 17.67 5.33
N GLN A 430 -19.05 17.78 4.03
CA GLN A 430 -19.27 19.03 3.34
C GLN A 430 -20.51 18.93 2.43
N SER A 431 -20.96 20.09 1.95
CA SER A 431 -22.13 20.18 1.11
C SER A 431 -22.11 19.32 -0.13
N LEU A 432 -23.32 18.95 -0.56
CA LEU A 432 -23.59 18.15 -1.75
C LEU A 432 -22.89 18.85 -2.88
N ASN A 433 -22.86 20.18 -2.80
CA ASN A 433 -22.25 20.95 -3.86
C ASN A 433 -20.73 20.97 -3.87
N GLU A 434 -20.15 21.03 -2.68
CA GLU A 434 -18.70 21.01 -2.55
C GLU A 434 -18.23 19.66 -3.09
N TYR A 435 -19.00 18.58 -2.81
CA TYR A 435 -18.67 17.25 -3.33
C TYR A 435 -18.88 17.16 -4.85
N ARG A 436 -19.75 18.00 -5.37
CA ARG A 436 -20.03 18.00 -6.78
C ARG A 436 -18.91 18.69 -7.53
N LYS A 437 -18.49 19.84 -7.04
CA LYS A 437 -17.39 20.57 -7.68
C LYS A 437 -16.14 19.69 -7.53
N ARG A 438 -16.03 19.08 -6.36
CA ARG A 438 -14.92 18.19 -6.06
C ARG A 438 -14.82 17.13 -7.16
N PHE A 439 -15.95 16.67 -7.69
CA PHE A 439 -15.88 15.68 -8.76
C PHE A 439 -16.18 16.22 -10.14
N SER A 440 -15.81 17.47 -10.37
CA SER A 440 -16.00 18.09 -11.67
C SER A 440 -17.45 18.32 -12.13
N LEU A 441 -18.36 18.44 -11.16
CA LEU A 441 -19.76 18.67 -11.50
C LEU A 441 -20.06 20.11 -11.12
N LYS A 442 -21.00 20.71 -11.84
CA LYS A 442 -21.38 22.09 -11.59
C LYS A 442 -22.33 22.12 -10.40
N PRO A 443 -22.21 23.13 -9.56
CA PRO A 443 -23.09 23.23 -8.40
C PRO A 443 -24.54 23.46 -8.79
N TYR A 444 -25.43 22.85 -8.01
CA TYR A 444 -26.85 23.00 -8.22
C TYR A 444 -27.20 24.40 -7.71
N THR A 445 -28.08 25.09 -8.44
CA THR A 445 -28.53 26.45 -8.14
C THR A 445 -29.88 26.52 -7.45
N SER A 446 -30.56 25.39 -7.32
CA SER A 446 -31.87 25.38 -6.69
C SER A 446 -32.29 23.94 -6.42
N PHE A 447 -32.97 23.70 -5.30
CA PHE A 447 -33.36 22.33 -4.96
C PHE A 447 -34.21 21.76 -6.07
N GLU A 448 -34.81 22.69 -6.79
CA GLU A 448 -35.70 22.40 -7.86
C GLU A 448 -34.86 21.79 -8.99
N GLU A 449 -33.69 22.36 -9.24
CA GLU A 449 -32.80 21.81 -10.28
C GLU A 449 -32.33 20.43 -9.82
N LEU A 450 -32.01 20.34 -8.53
CA LEU A 450 -31.56 19.11 -7.92
C LEU A 450 -32.53 17.96 -8.14
N THR A 451 -33.79 18.15 -7.77
CA THR A 451 -34.83 17.10 -7.92
C THR A 451 -35.42 17.03 -9.31
N GLY A 452 -35.49 18.18 -9.99
CA GLY A 452 -36.05 18.24 -11.33
C GLY A 452 -37.58 18.19 -11.25
N GLU A 453 -38.09 18.76 -10.16
CA GLU A 453 -39.51 18.82 -9.86
C GLU A 453 -39.62 19.82 -8.73
N LYS A 454 -40.83 20.01 -8.19
CA LYS A 454 -40.91 20.98 -7.12
C LYS A 454 -41.63 20.57 -5.87
N GLU A 455 -42.36 19.46 -5.90
CA GLU A 455 -43.05 19.12 -4.67
C GLU A 455 -42.03 18.95 -3.56
N MET A 456 -41.01 18.13 -3.83
CA MET A 456 -39.92 17.85 -2.89
C MET A 456 -38.98 19.05 -2.81
N ALA A 457 -38.66 19.61 -3.97
CA ALA A 457 -37.77 20.75 -4.07
C ALA A 457 -38.22 21.85 -3.09
N ALA A 458 -39.49 22.21 -3.17
CA ALA A 458 -40.04 23.25 -2.32
C ALA A 458 -39.99 22.83 -0.84
N GLU A 459 -40.07 21.53 -0.59
CA GLU A 459 -40.01 21.04 0.78
C GLU A 459 -38.56 21.17 1.30
N LEU A 460 -37.60 20.74 0.48
CA LEU A 460 -36.20 20.81 0.90
C LEU A 460 -35.86 22.25 1.19
N LYS A 461 -36.30 23.16 0.32
CA LYS A 461 -36.01 24.57 0.51
C LYS A 461 -36.57 25.09 1.83
N ALA A 462 -37.57 24.38 2.35
CA ALA A 462 -38.18 24.76 3.61
C ALA A 462 -37.15 24.49 4.65
N LEU A 463 -36.60 23.29 4.57
CA LEU A 463 -35.60 22.81 5.50
C LEU A 463 -34.20 23.45 5.41
N TYR A 464 -33.54 23.40 4.25
CA TYR A 464 -32.18 23.96 4.06
C TYR A 464 -32.02 25.46 3.84
N SER A 465 -32.80 26.01 2.92
CA SER A 465 -32.76 27.44 2.55
C SER A 465 -31.73 27.72 1.46
N ASP A 466 -30.46 27.45 1.74
CA ASP A 466 -29.45 27.67 0.72
C ASP A 466 -29.18 26.30 0.13
N ILE A 467 -29.23 26.22 -1.20
CA ILE A 467 -28.97 24.97 -1.93
C ILE A 467 -27.55 24.55 -1.60
N ASP A 468 -26.68 25.55 -1.39
CA ASP A 468 -25.29 25.33 -1.03
C ASP A 468 -25.17 24.80 0.40
N VAL A 469 -26.23 24.18 0.90
CA VAL A 469 -26.20 23.60 2.22
C VAL A 469 -26.92 22.27 2.14
N MET A 470 -27.38 21.94 0.94
CA MET A 470 -28.04 20.66 0.78
C MET A 470 -26.94 19.61 1.12
N GLU A 471 -27.28 18.64 1.96
CA GLU A 471 -26.39 17.55 2.34
C GLU A 471 -26.18 16.53 1.19
N LEU A 472 -25.01 15.88 1.16
CA LEU A 472 -24.71 14.90 0.12
C LEU A 472 -25.60 13.64 0.13
N TYR A 473 -25.68 12.91 1.24
CA TYR A 473 -26.50 11.69 1.30
C TYR A 473 -27.94 11.86 0.75
N PRO A 474 -28.80 12.68 1.44
CA PRO A 474 -30.19 12.90 1.01
C PRO A 474 -30.28 13.20 -0.48
N ALA A 475 -29.46 14.18 -0.89
CA ALA A 475 -29.41 14.58 -2.28
C ALA A 475 -29.31 13.42 -3.22
N LEU A 476 -28.53 12.40 -2.85
CA LEU A 476 -28.33 11.25 -3.70
C LEU A 476 -29.60 10.43 -3.90
N LEU A 477 -30.40 10.34 -2.83
CA LEU A 477 -31.67 9.58 -2.83
C LEU A 477 -32.87 10.32 -3.44
N VAL A 478 -32.69 11.63 -3.62
CA VAL A 478 -33.68 12.55 -4.14
C VAL A 478 -33.42 12.89 -5.61
N GLU A 479 -32.31 13.57 -5.86
CA GLU A 479 -31.85 13.95 -7.19
C GLU A 479 -32.57 13.34 -8.42
N LYS A 480 -32.76 14.17 -9.43
CA LYS A 480 -33.44 13.75 -10.66
C LYS A 480 -32.74 12.58 -11.32
N PRO A 481 -33.43 11.42 -11.43
CA PRO A 481 -32.83 10.26 -12.07
C PRO A 481 -32.40 10.54 -13.46
N ARG A 482 -31.25 10.01 -13.84
CA ARG A 482 -30.80 10.18 -15.21
C ARG A 482 -31.91 9.41 -15.88
N PRO A 483 -32.31 9.83 -17.09
CA PRO A 483 -33.36 9.22 -17.87
C PRO A 483 -34.08 8.01 -17.28
N ASP A 484 -34.12 6.89 -17.98
CA ASP A 484 -34.86 5.76 -17.43
C ASP A 484 -33.97 4.89 -16.59
N ALA A 485 -33.23 5.58 -15.73
CA ALA A 485 -32.24 4.95 -14.87
C ALA A 485 -32.51 5.15 -13.41
N ILE A 486 -31.79 4.34 -12.64
CA ILE A 486 -31.89 4.30 -11.20
C ILE A 486 -31.17 5.41 -10.39
N PHE A 487 -30.08 5.97 -10.90
CA PHE A 487 -29.30 7.00 -10.17
C PHE A 487 -29.32 8.38 -10.76
N GLY A 488 -28.80 9.31 -9.96
CA GLY A 488 -28.66 10.69 -10.40
C GLY A 488 -27.26 10.91 -10.96
N GLU A 489 -26.94 12.14 -11.33
CA GLU A 489 -25.61 12.44 -11.88
C GLU A 489 -24.55 12.31 -10.81
N THR A 490 -24.78 12.92 -9.67
CA THR A 490 -23.86 12.82 -8.56
C THR A 490 -23.63 11.33 -8.31
N MET A 491 -24.62 10.61 -7.78
CA MET A 491 -24.45 9.17 -7.51
C MET A 491 -23.57 8.44 -8.51
N VAL A 492 -23.65 8.80 -9.78
CA VAL A 492 -22.81 8.13 -10.78
C VAL A 492 -21.37 8.66 -10.80
N GLU A 493 -21.20 9.99 -10.82
CA GLU A 493 -19.89 10.62 -10.88
C GLU A 493 -18.93 10.51 -9.69
N LEU A 494 -19.45 10.41 -8.47
CA LEU A 494 -18.55 10.26 -7.33
C LEU A 494 -18.18 8.79 -7.28
N GLY A 495 -19.21 7.95 -7.22
CA GLY A 495 -19.01 6.52 -7.13
C GLY A 495 -18.28 5.74 -8.22
N ALA A 496 -18.30 6.20 -9.47
CA ALA A 496 -17.60 5.46 -10.54
C ALA A 496 -16.10 5.47 -10.30
N PRO A 497 -15.52 6.66 -10.06
CA PRO A 497 -14.09 6.78 -9.81
C PRO A 497 -13.71 5.87 -8.68
N PHE A 498 -14.46 5.94 -7.59
CA PHE A 498 -14.20 5.09 -6.43
C PHE A 498 -14.29 3.59 -6.82
N SER A 499 -15.37 3.21 -7.49
CA SER A 499 -15.61 1.83 -7.88
C SER A 499 -14.53 1.20 -8.77
N LEU A 500 -14.04 1.91 -9.77
CA LEU A 500 -13.04 1.34 -10.67
C LEU A 500 -11.63 1.23 -10.07
N LYS A 501 -11.31 2.12 -9.15
CA LYS A 501 -10.02 2.11 -8.49
C LYS A 501 -9.96 0.87 -7.63
N GLY A 502 -10.89 0.70 -6.72
CA GLY A 502 -10.85 -0.47 -5.88
C GLY A 502 -10.96 -1.76 -6.66
N LEU A 503 -11.32 -1.68 -7.93
CA LEU A 503 -11.44 -2.89 -8.73
C LEU A 503 -10.13 -3.12 -9.49
N MET A 504 -9.70 -2.09 -10.22
CA MET A 504 -8.46 -2.15 -11.00
C MET A 504 -7.18 -2.12 -10.12
N GLY A 505 -7.19 -1.31 -9.07
CA GLY A 505 -6.05 -1.18 -8.20
C GLY A 505 -5.87 -2.29 -7.22
N ASN A 506 -6.15 -3.52 -7.62
CA ASN A 506 -5.99 -4.67 -6.73
C ASN A 506 -4.75 -5.38 -7.22
N PRO A 507 -3.85 -5.78 -6.30
CA PRO A 507 -2.62 -6.47 -6.69
C PRO A 507 -2.73 -7.44 -7.84
N ILE A 508 -3.75 -8.30 -7.83
CA ILE A 508 -3.86 -9.29 -8.90
C ILE A 508 -4.03 -8.68 -10.27
N CYS A 509 -4.12 -7.37 -10.36
CA CYS A 509 -4.28 -6.73 -11.67
C CYS A 509 -3.00 -6.03 -12.10
N SER A 510 -1.95 -6.22 -11.31
CA SER A 510 -0.62 -5.65 -11.56
C SER A 510 0.06 -6.59 -12.53
N PRO A 511 0.87 -6.02 -13.41
CA PRO A 511 1.59 -6.80 -14.41
C PRO A 511 2.34 -8.01 -13.90
N GLN A 512 2.87 -7.98 -12.67
CA GLN A 512 3.61 -9.15 -12.20
C GLN A 512 2.71 -10.22 -11.57
N TYR A 513 1.43 -9.89 -11.38
CA TYR A 513 0.47 -10.86 -10.83
C TYR A 513 -0.42 -11.39 -11.95
N TRP A 514 -0.79 -10.53 -12.90
CA TRP A 514 -1.68 -10.95 -14.01
C TRP A 514 -1.05 -11.91 -15.03
N LYS A 515 -0.96 -13.20 -14.68
CA LYS A 515 -0.38 -14.19 -15.58
C LYS A 515 -0.76 -15.59 -15.19
N PRO A 516 -0.91 -16.46 -16.17
CA PRO A 516 -1.29 -17.87 -16.06
C PRO A 516 -0.76 -18.50 -14.81
N SER A 517 0.47 -18.13 -14.48
CA SER A 517 1.12 -18.68 -13.32
C SER A 517 0.50 -18.39 -11.98
N THR A 518 0.13 -17.13 -11.75
CA THR A 518 -0.42 -16.68 -10.45
C THR A 518 -1.58 -17.48 -9.97
N PHE A 519 -2.28 -18.08 -10.92
CA PHE A 519 -3.46 -18.85 -10.64
C PHE A 519 -3.41 -20.36 -10.86
N GLY A 520 -2.24 -20.96 -11.04
CA GLY A 520 -2.17 -22.40 -11.21
C GLY A 520 -2.22 -22.97 -12.61
N GLY A 521 -1.94 -22.15 -13.62
CA GLY A 521 -1.95 -22.63 -14.98
C GLY A 521 -2.86 -21.81 -15.85
N GLU A 522 -3.03 -22.22 -17.11
CA GLU A 522 -3.93 -21.49 -18.01
C GLU A 522 -5.36 -21.73 -17.52
N VAL A 523 -5.60 -22.93 -17.00
CA VAL A 523 -6.90 -23.33 -16.47
C VAL A 523 -7.51 -22.31 -15.49
N GLY A 524 -7.00 -22.28 -14.26
CA GLY A 524 -7.52 -21.35 -13.29
C GLY A 524 -7.51 -19.93 -13.79
N PHE A 525 -6.80 -19.64 -14.87
CA PHE A 525 -6.76 -18.28 -15.37
C PHE A 525 -8.03 -18.07 -16.17
N LYS A 526 -8.37 -19.07 -16.97
CA LYS A 526 -9.56 -18.98 -17.79
C LYS A 526 -10.80 -18.91 -16.88
N ILE A 527 -10.75 -19.62 -15.75
CA ILE A 527 -11.85 -19.59 -14.81
C ILE A 527 -12.10 -18.11 -14.54
N ILE A 528 -11.05 -17.32 -14.45
CA ILE A 528 -11.20 -15.88 -14.20
C ILE A 528 -11.69 -15.10 -15.41
N ASN A 529 -11.34 -15.56 -16.58
CA ASN A 529 -11.71 -14.82 -17.75
C ASN A 529 -12.93 -15.32 -18.44
N THR A 530 -13.66 -16.21 -17.79
CA THR A 530 -14.87 -16.71 -18.40
C THR A 530 -15.98 -16.68 -17.35
N ALA A 531 -15.72 -15.99 -16.24
CA ALA A 531 -16.67 -15.89 -15.16
C ALA A 531 -17.80 -14.92 -15.51
N SER A 532 -18.96 -15.19 -14.90
CA SER A 532 -20.17 -14.41 -15.07
C SER A 532 -21.14 -14.83 -13.96
N ILE A 533 -21.99 -13.88 -13.54
CA ILE A 533 -23.01 -14.14 -12.49
C ILE A 533 -23.85 -15.36 -12.85
N GLN A 534 -23.95 -15.64 -14.15
CA GLN A 534 -24.72 -16.79 -14.61
C GLN A 534 -23.94 -18.04 -14.28
N SER A 535 -22.71 -18.12 -14.77
CA SER A 535 -21.84 -19.29 -14.57
C SER A 535 -21.67 -19.58 -13.12
N LEU A 536 -21.57 -18.54 -12.32
CA LEU A 536 -21.43 -18.72 -10.90
C LEU A 536 -22.61 -19.56 -10.36
N ILE A 537 -23.83 -19.21 -10.79
CA ILE A 537 -25.04 -19.91 -10.36
C ILE A 537 -25.16 -21.28 -11.02
N CYS A 538 -25.03 -21.33 -12.33
CA CYS A 538 -25.10 -22.59 -13.06
C CYS A 538 -24.21 -23.65 -12.38
N ASN A 539 -22.98 -23.26 -12.10
CA ASN A 539 -22.01 -24.15 -11.48
C ASN A 539 -22.29 -24.53 -10.06
N ASN A 540 -22.74 -23.60 -9.24
CA ASN A 540 -22.94 -23.89 -7.81
C ASN A 540 -24.34 -23.93 -7.25
N VAL A 541 -25.34 -23.80 -8.12
CA VAL A 541 -26.74 -23.85 -7.67
C VAL A 541 -27.31 -25.10 -8.33
N LYS A 542 -28.08 -25.88 -7.58
CA LYS A 542 -28.67 -27.15 -8.07
C LYS A 542 -28.86 -27.23 -9.56
N GLY A 543 -30.08 -27.12 -10.07
CA GLY A 543 -30.25 -27.18 -11.53
C GLY A 543 -29.74 -25.83 -11.99
N CYS A 544 -29.19 -25.67 -13.17
CA CYS A 544 -28.70 -24.34 -13.55
C CYS A 544 -29.83 -23.35 -13.67
N PRO A 545 -30.12 -22.58 -12.62
CA PRO A 545 -31.22 -21.66 -12.84
C PRO A 545 -30.68 -20.53 -13.68
N PHE A 546 -31.43 -20.08 -14.68
CA PHE A 546 -30.95 -18.95 -15.46
C PHE A 546 -30.96 -17.79 -14.47
N THR A 547 -30.10 -16.80 -14.68
CA THR A 547 -30.09 -15.65 -13.80
C THR A 547 -29.59 -14.44 -14.49
N SER A 548 -29.82 -13.31 -13.87
CA SER A 548 -29.42 -12.05 -14.42
C SER A 548 -29.57 -11.09 -13.29
N PHE A 549 -28.94 -9.94 -13.42
CA PHE A 549 -29.08 -8.92 -12.40
C PHE A 549 -30.24 -8.05 -12.82
N ASN A 550 -30.81 -8.43 -13.96
CA ASN A 550 -31.92 -7.74 -14.56
C ASN A 550 -33.14 -8.63 -14.47
N VAL A 551 -34.28 -8.02 -14.26
CA VAL A 551 -35.53 -8.72 -14.09
C VAL A 551 -36.06 -9.35 -15.40
N GLN A 552 -35.15 -9.65 -16.32
CA GLN A 552 -35.46 -10.26 -17.62
C GLN A 552 -35.90 -9.22 -18.67
N ALA B 1 11.96 -33.34 -4.66
CA ALA B 1 10.72 -33.78 -5.38
C ALA B 1 10.23 -32.72 -6.35
N ASN B 2 9.87 -31.56 -5.82
CA ASN B 2 9.35 -30.45 -6.61
C ASN B 2 10.27 -30.14 -7.80
N PRO B 3 9.75 -30.29 -9.03
CA PRO B 3 10.42 -30.07 -10.33
C PRO B 3 11.08 -28.72 -10.56
N CYS B 4 10.61 -27.70 -9.86
CA CYS B 4 11.18 -26.37 -10.03
C CYS B 4 12.38 -26.14 -9.13
N CYS B 5 12.72 -27.16 -8.32
CA CYS B 5 13.86 -27.09 -7.41
C CYS B 5 15.12 -26.75 -8.18
N SER B 6 15.21 -27.24 -9.41
CA SER B 6 16.37 -27.00 -10.25
C SER B 6 16.44 -25.58 -10.79
N ASN B 7 15.52 -24.73 -10.33
CA ASN B 7 15.43 -23.33 -10.76
C ASN B 7 15.67 -23.21 -12.29
N PRO B 8 14.88 -23.94 -13.09
CA PRO B 8 14.99 -23.97 -14.54
C PRO B 8 14.44 -22.83 -15.38
N CYS B 9 13.69 -21.91 -14.79
CA CYS B 9 13.11 -20.83 -15.61
C CYS B 9 13.99 -19.62 -15.68
N GLN B 10 14.53 -19.36 -16.85
CA GLN B 10 15.44 -18.25 -17.05
C GLN B 10 14.78 -16.93 -17.36
N ASN B 11 15.60 -15.89 -17.33
CA ASN B 11 15.15 -14.56 -17.64
C ASN B 11 13.91 -14.05 -16.92
N ARG B 12 13.59 -14.67 -15.78
CA ARG B 12 12.45 -14.31 -14.92
C ARG B 12 11.11 -15.00 -15.19
N GLY B 13 11.12 -16.11 -15.92
CA GLY B 13 9.89 -16.81 -16.15
C GLY B 13 9.50 -17.40 -14.81
N GLU B 14 8.25 -17.84 -14.66
CA GLU B 14 7.81 -18.43 -13.40
C GLU B 14 7.67 -19.91 -13.57
N CYS B 15 7.83 -20.65 -12.50
CA CYS B 15 7.82 -22.07 -12.64
C CYS B 15 6.86 -22.82 -11.76
N MET B 16 6.07 -23.71 -12.35
CA MET B 16 5.22 -24.48 -11.50
C MET B 16 5.16 -25.91 -11.93
N SER B 17 5.04 -26.77 -10.93
CA SER B 17 4.94 -28.17 -11.14
C SER B 17 3.70 -28.36 -11.96
N THR B 18 3.67 -29.45 -12.71
CA THR B 18 2.52 -29.76 -13.53
C THR B 18 2.23 -31.25 -13.39
N GLY B 19 2.85 -31.90 -12.40
CA GLY B 19 2.58 -33.31 -12.22
C GLY B 19 3.62 -34.16 -11.54
N PHE B 20 4.12 -33.72 -10.39
CA PHE B 20 5.10 -34.48 -9.61
C PHE B 20 6.53 -34.41 -10.13
N ASP B 21 6.70 -34.77 -11.41
CA ASP B 21 8.02 -34.77 -12.01
C ASP B 21 7.95 -34.04 -13.34
N GLN B 22 7.38 -32.84 -13.32
CA GLN B 22 7.22 -32.05 -14.53
C GLN B 22 6.88 -30.63 -14.11
N TYR B 23 7.33 -29.65 -14.89
CA TYR B 23 7.12 -28.24 -14.58
C TYR B 23 6.77 -27.44 -15.85
N LYS B 24 6.59 -26.14 -15.68
CA LYS B 24 6.29 -25.31 -16.81
C LYS B 24 6.70 -23.91 -16.43
N CYS B 25 7.29 -23.19 -17.38
CA CYS B 25 7.73 -21.82 -17.16
C CYS B 25 6.77 -20.78 -17.76
N ASP B 26 6.63 -19.66 -17.06
CA ASP B 26 5.77 -18.59 -17.50
C ASP B 26 6.60 -17.42 -17.93
N CYS B 27 6.87 -17.35 -19.21
CA CYS B 27 7.71 -16.28 -19.70
C CYS B 27 6.92 -15.02 -19.96
N THR B 28 5.75 -14.92 -19.34
CA THR B 28 4.89 -13.76 -19.57
C THR B 28 5.66 -12.49 -19.36
N ARG B 29 5.73 -11.70 -20.42
CA ARG B 29 6.42 -10.43 -20.39
C ARG B 29 7.88 -10.53 -19.94
N THR B 30 8.57 -11.61 -20.30
CA THR B 30 10.00 -11.73 -19.97
C THR B 30 10.68 -11.13 -21.18
N GLY B 31 10.34 -11.68 -22.32
CA GLY B 31 10.91 -11.21 -23.57
C GLY B 31 11.58 -12.41 -24.17
N PHE B 32 11.35 -13.56 -23.57
CA PHE B 32 11.96 -14.79 -24.01
C PHE B 32 10.88 -15.82 -24.05
N TYR B 33 10.98 -16.77 -24.96
CA TYR B 33 10.00 -17.86 -25.04
C TYR B 33 10.68 -19.21 -24.85
N GLY B 34 10.06 -20.27 -25.35
CA GLY B 34 10.68 -21.56 -25.18
C GLY B 34 10.65 -22.11 -23.77
N GLU B 35 10.73 -23.44 -23.71
CA GLU B 35 10.69 -24.20 -22.48
C GLU B 35 11.17 -23.53 -21.21
N ASN B 36 12.28 -22.79 -21.28
CA ASN B 36 12.84 -22.18 -20.09
C ASN B 36 12.99 -20.67 -20.16
N CYS B 37 12.30 -20.03 -21.10
CA CYS B 37 12.36 -18.57 -21.27
C CYS B 37 13.76 -18.07 -21.55
N THR B 38 14.40 -18.73 -22.53
CA THR B 38 15.76 -18.44 -22.96
C THR B 38 15.90 -17.81 -24.36
N THR B 39 15.21 -18.34 -25.36
CA THR B 39 15.27 -17.78 -26.72
C THR B 39 14.49 -16.47 -26.71
N PRO B 40 15.17 -15.34 -26.94
CA PRO B 40 14.57 -14.01 -26.95
C PRO B 40 13.86 -13.58 -28.17
N GLU B 41 12.94 -12.65 -27.96
CA GLU B 41 12.20 -12.09 -29.07
C GLU B 41 13.15 -11.10 -29.69
N PHE B 42 12.94 -10.84 -30.96
CA PHE B 42 13.77 -9.92 -31.72
C PHE B 42 14.14 -8.67 -30.93
N LEU B 43 13.13 -7.90 -30.52
CA LEU B 43 13.38 -6.69 -29.77
C LEU B 43 14.31 -6.89 -28.57
N THR B 44 14.23 -8.06 -27.94
CA THR B 44 15.06 -8.36 -26.80
C THR B 44 16.49 -8.39 -27.33
N ARG B 45 16.67 -9.10 -28.44
CA ARG B 45 17.97 -9.22 -29.08
C ARG B 45 18.52 -7.82 -29.26
N ILE B 46 17.74 -7.00 -29.97
CA ILE B 46 18.08 -5.62 -30.29
C ILE B 46 18.57 -4.79 -29.10
N LYS B 47 17.86 -4.89 -27.98
CA LYS B 47 18.23 -4.14 -26.78
C LYS B 47 19.40 -4.79 -26.02
N LEU B 48 19.49 -6.11 -26.03
CA LEU B 48 20.58 -6.80 -25.34
C LEU B 48 21.94 -6.34 -25.84
N LEU B 49 22.14 -6.34 -27.15
CA LEU B 49 23.40 -5.87 -27.71
C LEU B 49 23.23 -4.37 -27.85
N LEU B 50 23.25 -3.73 -26.69
CA LEU B 50 23.06 -2.30 -26.62
C LEU B 50 23.17 -1.98 -25.13
N LYS B 51 22.71 -2.92 -24.32
CA LYS B 51 22.74 -2.78 -22.87
C LYS B 51 24.16 -2.71 -22.36
N PRO B 52 24.60 -1.53 -21.90
CA PRO B 52 25.97 -1.43 -21.40
C PRO B 52 25.94 -2.05 -19.99
N THR B 53 27.05 -2.70 -19.60
CA THR B 53 27.11 -3.33 -18.29
C THR B 53 27.20 -2.31 -17.17
N PRO B 54 26.76 -2.70 -15.97
CA PRO B 54 26.77 -1.86 -14.78
C PRO B 54 28.16 -1.32 -14.53
N ASN B 55 29.14 -2.11 -14.94
CA ASN B 55 30.55 -1.74 -14.78
C ASN B 55 30.93 -0.81 -15.91
N THR B 56 30.58 -1.22 -17.14
CA THR B 56 30.88 -0.39 -18.30
C THR B 56 30.03 0.86 -18.34
N VAL B 57 29.47 1.19 -17.17
CA VAL B 57 28.65 2.37 -16.96
C VAL B 57 29.21 3.05 -15.70
N HIS B 58 29.51 2.24 -14.67
CA HIS B 58 30.06 2.78 -13.44
C HIS B 58 31.33 3.54 -13.76
N TYR B 59 32.01 3.11 -14.81
CA TYR B 59 33.21 3.79 -15.25
C TYR B 59 32.81 5.22 -15.56
N ILE B 60 31.91 5.36 -16.52
CA ILE B 60 31.42 6.65 -16.99
C ILE B 60 31.06 7.62 -15.86
N LEU B 61 30.34 7.12 -14.87
CA LEU B 61 29.89 7.92 -13.73
C LEU B 61 31.03 8.47 -12.88
N THR B 62 32.00 7.61 -12.62
CA THR B 62 33.16 7.98 -11.82
C THR B 62 34.21 8.75 -12.62
N HIS B 63 34.23 8.57 -13.93
CA HIS B 63 35.21 9.24 -14.77
C HIS B 63 34.81 10.60 -15.29
N PHE B 64 35.47 11.05 -16.36
CA PHE B 64 35.25 12.34 -17.05
C PHE B 64 34.76 13.53 -16.20
N LYS B 65 35.31 13.67 -14.99
CA LYS B 65 34.92 14.72 -14.05
C LYS B 65 34.65 16.05 -14.71
N GLY B 66 35.39 16.33 -15.78
CA GLY B 66 35.19 17.59 -16.49
C GLY B 66 33.81 17.64 -17.09
N VAL B 67 33.46 16.61 -17.86
CA VAL B 67 32.18 16.52 -18.51
C VAL B 67 31.04 16.66 -17.49
N TRP B 68 31.15 15.88 -16.41
CA TRP B 68 30.15 15.91 -15.33
C TRP B 68 30.04 17.30 -14.74
N ASN B 69 31.12 18.06 -14.74
CA ASN B 69 31.09 19.40 -14.18
C ASN B 69 30.52 20.37 -15.18
N ILE B 70 29.84 19.82 -16.17
CA ILE B 70 29.20 20.64 -17.17
C ILE B 70 27.74 20.24 -17.02
N VAL B 71 27.48 18.95 -17.19
CA VAL B 71 26.14 18.40 -17.04
C VAL B 71 25.62 18.90 -15.70
N ASN B 72 26.40 18.71 -14.65
CA ASN B 72 26.05 19.10 -13.29
C ASN B 72 25.64 20.53 -13.12
N ASN B 73 25.80 21.33 -14.18
CA ASN B 73 25.45 22.74 -14.09
C ASN B 73 24.36 23.15 -15.06
N ILE B 74 23.94 22.22 -15.91
CA ILE B 74 22.87 22.46 -16.86
C ILE B 74 21.67 21.80 -16.20
N PRO B 75 20.91 22.53 -15.36
CA PRO B 75 19.73 21.99 -14.66
C PRO B 75 18.84 21.15 -15.59
N PHE B 76 18.80 21.55 -16.85
CA PHE B 76 18.01 20.86 -17.85
C PHE B 76 18.63 19.48 -17.97
N LEU B 77 19.95 19.45 -18.16
CA LEU B 77 20.71 18.23 -18.33
C LEU B 77 20.79 17.31 -17.10
N ARG B 78 21.01 17.92 -15.93
CA ARG B 78 21.14 17.20 -14.69
C ARG B 78 19.94 16.36 -14.39
N SER B 79 18.78 17.00 -14.20
CA SER B 79 17.53 16.31 -13.91
C SER B 79 17.29 15.26 -14.98
N LEU B 80 17.75 15.55 -16.19
CA LEU B 80 17.61 14.60 -17.26
C LEU B 80 18.46 13.38 -16.98
N ILE B 81 19.65 13.59 -16.45
CA ILE B 81 20.52 12.45 -16.12
C ILE B 81 19.90 11.63 -14.96
N MET B 82 19.50 12.34 -13.91
CA MET B 82 18.93 11.75 -12.69
C MET B 82 17.62 10.97 -12.91
N LYS B 83 16.80 11.43 -13.85
CA LYS B 83 15.54 10.76 -14.13
C LYS B 83 15.84 9.35 -14.59
N TYR B 84 16.83 9.22 -15.47
CA TYR B 84 17.21 7.90 -15.96
C TYR B 84 17.74 7.00 -14.86
N VAL B 85 18.65 7.53 -14.04
CA VAL B 85 19.22 6.70 -12.98
C VAL B 85 18.10 6.24 -12.08
N LEU B 86 17.17 7.17 -11.85
CA LEU B 86 16.03 6.94 -10.99
C LEU B 86 15.11 5.86 -11.57
N THR B 87 14.89 5.95 -12.88
CA THR B 87 13.99 5.01 -13.53
C THR B 87 14.52 3.62 -13.82
N SER B 88 15.65 3.55 -14.53
CA SER B 88 16.29 2.29 -14.93
C SER B 88 16.29 1.13 -13.93
N ARG B 89 16.71 1.40 -12.70
CA ARG B 89 16.76 0.36 -11.68
C ARG B 89 15.37 -0.13 -11.31
N SER B 90 14.42 0.80 -11.25
CA SER B 90 13.05 0.48 -10.84
C SER B 90 12.42 -0.79 -11.41
N TYR B 91 12.70 -1.09 -12.68
CA TYR B 91 12.11 -2.28 -13.27
C TYR B 91 12.56 -3.58 -12.57
N LEU B 92 13.47 -3.49 -11.60
CA LEU B 92 13.94 -4.70 -10.94
C LEU B 92 13.16 -5.08 -9.71
N ILE B 93 12.32 -4.19 -9.21
CA ILE B 93 11.54 -4.53 -8.02
C ILE B 93 10.06 -4.73 -8.29
N ASP B 94 9.47 -5.68 -7.58
CA ASP B 94 8.06 -5.98 -7.75
C ASP B 94 7.18 -5.11 -6.87
N SER B 95 6.21 -4.48 -7.50
CA SER B 95 5.27 -3.64 -6.82
C SER B 95 3.97 -3.80 -7.57
N PRO B 96 2.99 -4.38 -6.91
CA PRO B 96 3.13 -4.85 -5.53
C PRO B 96 3.99 -6.08 -5.32
N PRO B 97 4.55 -6.22 -4.11
CA PRO B 97 5.41 -7.31 -3.70
C PRO B 97 4.76 -8.63 -3.99
N THR B 98 5.60 -9.66 -4.10
CA THR B 98 5.18 -10.99 -4.45
C THR B 98 5.49 -12.03 -3.39
N TYR B 99 6.54 -12.82 -3.58
CA TYR B 99 6.90 -13.92 -2.65
C TYR B 99 7.38 -13.52 -1.27
N ASN B 100 7.42 -14.51 -0.38
CA ASN B 100 7.91 -14.25 0.98
C ASN B 100 8.43 -15.52 1.58
N VAL B 101 9.06 -15.39 2.74
CA VAL B 101 9.62 -16.51 3.50
C VAL B 101 8.89 -17.83 3.29
N HIS B 102 7.55 -17.82 3.39
CA HIS B 102 6.78 -19.04 3.28
C HIS B 102 6.09 -19.27 1.97
N TYR B 103 6.18 -18.33 1.04
CA TYR B 103 5.48 -18.52 -0.20
C TYR B 103 6.39 -18.35 -1.39
N GLY B 104 6.62 -19.48 -2.05
CA GLY B 104 7.43 -19.47 -3.25
C GLY B 104 6.49 -19.24 -4.41
N TYR B 105 5.19 -19.20 -4.09
CA TYR B 105 4.12 -18.94 -5.06
C TYR B 105 3.47 -17.70 -4.49
N LYS B 106 2.79 -16.94 -5.35
CA LYS B 106 2.20 -15.64 -5.00
C LYS B 106 1.27 -15.47 -3.81
N SER B 107 0.16 -16.24 -3.75
CA SER B 107 -0.82 -16.17 -2.66
C SER B 107 -1.30 -14.76 -2.20
N TRP B 108 -2.47 -14.69 -1.54
CA TRP B 108 -2.97 -13.39 -1.07
C TRP B 108 -2.27 -13.11 0.26
N GLU B 109 -2.13 -14.13 1.10
CA GLU B 109 -1.46 -14.03 2.41
C GLU B 109 -0.08 -13.39 2.32
N ALA B 110 0.69 -13.79 1.31
CA ALA B 110 1.99 -13.21 1.07
C ALA B 110 1.79 -11.71 0.94
N PHE B 111 0.95 -11.32 -0.02
CA PHE B 111 0.67 -9.93 -0.27
C PHE B 111 0.06 -9.18 0.89
N SER B 112 -0.88 -9.80 1.58
CA SER B 112 -1.54 -9.12 2.64
C SER B 112 -0.66 -8.86 3.85
N ASN B 113 -0.13 -9.93 4.46
CA ASN B 113 0.69 -9.87 5.69
C ASN B 113 1.91 -8.93 5.77
N LEU B 114 1.71 -7.78 6.39
CA LEU B 114 2.77 -6.78 6.51
C LEU B 114 3.84 -7.20 7.51
N SER B 115 3.61 -8.29 8.23
CA SER B 115 4.58 -8.77 9.23
C SER B 115 5.80 -9.47 8.59
N TYR B 116 5.71 -9.81 7.31
CA TYR B 116 6.81 -10.44 6.59
C TYR B 116 7.63 -9.41 5.80
N TYR B 117 8.90 -9.73 5.57
CA TYR B 117 9.80 -8.89 4.79
C TYR B 117 9.47 -9.45 3.43
N THR B 118 9.51 -8.65 2.40
CA THR B 118 9.20 -9.25 1.12
C THR B 118 10.43 -10.06 0.68
N ARG B 119 10.44 -10.61 -0.54
CA ARG B 119 11.55 -11.44 -0.95
C ARG B 119 11.77 -11.43 -2.46
N ALA B 120 12.83 -10.75 -2.91
CA ALA B 120 13.19 -10.64 -4.35
C ALA B 120 13.28 -11.93 -5.17
N LEU B 121 13.45 -13.06 -4.49
CA LEU B 121 13.54 -14.34 -5.17
C LEU B 121 13.00 -15.34 -4.16
N PRO B 122 12.01 -16.14 -4.56
CA PRO B 122 11.40 -17.13 -3.69
C PRO B 122 12.41 -18.00 -2.96
N PRO B 123 12.00 -18.59 -1.85
CA PRO B 123 12.86 -19.46 -1.04
C PRO B 123 13.16 -20.68 -1.87
N VAL B 124 13.74 -21.69 -1.25
CA VAL B 124 14.02 -22.90 -1.96
C VAL B 124 13.01 -23.90 -1.42
N ALA B 125 12.41 -24.64 -2.34
CA ALA B 125 11.41 -25.61 -1.99
C ALA B 125 11.95 -26.43 -0.88
N ASP B 126 11.28 -26.36 0.26
CA ASP B 126 11.70 -27.10 1.43
C ASP B 126 11.83 -28.57 1.15
N ASP B 127 11.43 -29.01 -0.03
CA ASP B 127 11.54 -30.41 -0.41
C ASP B 127 12.58 -30.65 -1.49
N CYS B 128 13.45 -29.67 -1.72
CA CYS B 128 14.50 -29.82 -2.71
C CYS B 128 15.66 -30.69 -2.17
N PRO B 129 16.34 -31.44 -3.04
CA PRO B 129 17.45 -32.29 -2.61
C PRO B 129 18.60 -31.54 -1.87
N THR B 130 19.07 -30.41 -2.42
CA THR B 130 20.13 -29.64 -1.80
C THR B 130 19.64 -28.27 -1.41
N PRO B 131 20.36 -27.61 -0.50
CA PRO B 131 20.10 -26.28 0.05
C PRO B 131 19.90 -25.14 -0.96
N MET B 132 20.31 -25.38 -2.19
CA MET B 132 20.17 -24.40 -3.25
C MET B 132 19.32 -25.00 -4.37
N GLY B 133 18.56 -26.03 -4.02
CA GLY B 133 17.72 -26.67 -5.00
C GLY B 133 18.17 -28.09 -5.25
N VAL B 134 19.04 -28.23 -6.24
CA VAL B 134 19.59 -29.52 -6.62
C VAL B 134 21.12 -29.58 -6.52
N LYS B 135 21.77 -28.42 -6.74
CA LYS B 135 23.23 -28.28 -6.72
C LYS B 135 23.95 -28.26 -5.37
N GLY B 136 25.06 -29.01 -5.30
CA GLY B 136 25.86 -29.08 -4.10
C GLY B 136 25.62 -30.30 -3.26
N ASN B 137 25.96 -30.22 -1.97
CA ASN B 137 25.82 -31.34 -1.07
C ASN B 137 24.65 -31.23 -0.09
N LYS B 138 24.32 -32.36 0.52
CA LYS B 138 23.24 -32.46 1.48
C LYS B 138 23.30 -31.30 2.44
N GLU B 139 24.54 -30.90 2.78
CA GLU B 139 24.74 -29.77 3.68
C GLU B 139 25.57 -28.67 3.00
N LEU B 140 25.69 -27.55 3.68
CA LEU B 140 26.41 -26.40 3.18
C LEU B 140 27.58 -26.12 4.16
N PRO B 141 28.73 -25.61 3.65
CA PRO B 141 29.92 -25.27 4.41
C PRO B 141 29.69 -24.82 5.84
N ASP B 142 30.50 -25.33 6.77
CA ASP B 142 30.41 -24.93 8.17
C ASP B 142 30.55 -23.41 8.10
N SER B 143 29.51 -22.71 8.58
CA SER B 143 29.48 -21.25 8.58
C SER B 143 30.68 -20.68 9.35
N LYS B 144 31.02 -21.32 10.46
CA LYS B 144 32.14 -20.91 11.30
C LYS B 144 33.44 -21.04 10.50
N GLU B 145 33.52 -22.09 9.72
CA GLU B 145 34.69 -22.32 8.92
C GLU B 145 34.73 -21.18 7.96
N VAL B 146 33.63 -20.95 7.26
CA VAL B 146 33.55 -19.88 6.27
C VAL B 146 33.82 -18.50 6.87
N LEU B 147 33.25 -18.27 8.05
CA LEU B 147 33.38 -16.98 8.73
C LEU B 147 34.88 -16.64 8.86
N GLU B 148 35.57 -17.47 9.66
CA GLU B 148 37.00 -17.37 9.94
C GLU B 148 37.91 -17.29 8.71
N LYS B 149 37.79 -18.28 7.84
CA LYS B 149 38.60 -18.32 6.66
C LYS B 149 38.54 -17.09 5.77
N VAL B 150 37.35 -16.52 5.54
CA VAL B 150 37.28 -15.39 4.63
C VAL B 150 36.62 -14.11 5.11
N LEU B 151 35.93 -14.19 6.24
CA LEU B 151 35.24 -13.00 6.71
C LEU B 151 35.97 -12.28 7.82
N LEU B 152 36.32 -13.00 8.88
CA LEU B 152 37.00 -12.36 10.00
C LEU B 152 38.20 -11.51 9.63
N ARG B 153 38.24 -10.33 10.23
CA ARG B 153 39.30 -9.36 10.00
C ARG B 153 40.60 -9.72 10.69
N ARG B 154 41.72 -9.41 10.02
CA ARG B 154 43.03 -9.63 10.59
C ARG B 154 43.55 -8.21 10.84
N GLU B 155 44.09 -7.61 9.80
CA GLU B 155 44.59 -6.25 9.93
C GLU B 155 43.46 -5.36 9.45
N PHE B 156 43.18 -4.28 10.18
CA PHE B 156 42.10 -3.38 9.78
C PHE B 156 42.31 -2.80 8.40
N ILE B 157 41.34 -3.00 7.54
CA ILE B 157 41.42 -2.45 6.19
C ILE B 157 40.56 -1.22 6.13
N PRO B 158 41.17 -0.06 5.86
CA PRO B 158 40.41 1.19 5.77
C PRO B 158 39.54 1.14 4.54
N ASP B 159 38.67 2.13 4.39
CA ASP B 159 37.78 2.22 3.24
C ASP B 159 38.42 3.10 2.21
N PRO B 160 38.54 2.62 0.98
CA PRO B 160 39.16 3.46 -0.02
C PRO B 160 38.35 4.70 -0.39
N GLN B 161 37.08 4.78 0.03
CA GLN B 161 36.25 5.96 -0.29
C GLN B 161 36.29 7.08 0.75
N GLY B 162 36.91 6.81 1.90
CA GLY B 162 37.00 7.81 2.95
C GLY B 162 35.76 7.91 3.84
N SER B 163 34.91 6.89 3.81
CA SER B 163 33.72 6.89 4.60
C SER B 163 34.09 6.92 6.06
N ASN B 164 33.81 8.04 6.73
CA ASN B 164 34.09 8.19 8.16
C ASN B 164 33.08 7.50 9.04
N MET B 165 33.09 7.87 10.32
CA MET B 165 32.14 7.28 11.27
C MET B 165 30.76 7.91 11.16
N MET B 166 30.71 9.17 10.74
CA MET B 166 29.45 9.89 10.53
C MET B 166 28.61 9.06 9.56
N PHE B 167 29.27 8.50 8.55
CA PHE B 167 28.58 7.69 7.59
C PHE B 167 28.14 6.40 8.25
N ALA B 168 29.10 5.61 8.73
CA ALA B 168 28.80 4.32 9.35
C ALA B 168 27.72 4.38 10.42
N PHE B 169 27.76 5.37 11.28
CA PHE B 169 26.71 5.44 12.28
C PHE B 169 25.38 5.91 11.74
N PHE B 170 25.40 6.80 10.75
CA PHE B 170 24.18 7.31 10.11
C PHE B 170 23.42 6.13 9.52
N ALA B 171 24.09 5.37 8.65
CA ALA B 171 23.47 4.21 8.03
C ALA B 171 22.91 3.23 9.06
N GLN B 172 23.57 3.07 10.19
CA GLN B 172 23.05 2.12 11.14
C GLN B 172 21.83 2.66 11.82
N HIS B 173 21.80 3.96 12.02
CA HIS B 173 20.65 4.59 12.65
C HIS B 173 19.45 4.64 11.69
N PHE B 174 19.73 5.04 10.46
CA PHE B 174 18.73 5.19 9.42
C PHE B 174 18.09 3.88 9.11
N THR B 175 18.80 2.99 8.43
CA THR B 175 18.26 1.71 8.04
C THR B 175 17.64 0.95 9.16
N HIS B 176 17.86 1.37 10.40
CA HIS B 176 17.23 0.63 11.50
C HIS B 176 15.79 0.99 11.83
N GLN B 177 15.16 1.73 10.92
CA GLN B 177 13.78 2.08 11.06
C GLN B 177 13.11 1.03 10.20
N PHE B 178 13.63 0.74 9.01
CA PHE B 178 13.00 -0.33 8.25
C PHE B 178 13.46 -1.76 8.55
N PHE B 179 14.75 -1.98 8.82
CA PHE B 179 15.19 -3.35 9.13
C PHE B 179 14.95 -3.52 10.61
N LYS B 180 13.96 -4.31 11.00
CA LYS B 180 13.66 -4.51 12.43
C LYS B 180 13.21 -5.89 12.79
N THR B 181 13.72 -6.88 12.09
CA THR B 181 13.39 -8.28 12.32
C THR B 181 12.69 -8.69 13.61
N ASP B 182 11.54 -9.33 13.45
CA ASP B 182 10.76 -9.78 14.59
C ASP B 182 11.33 -11.11 15.04
N HIS B 183 12.42 -11.07 15.79
CA HIS B 183 13.06 -12.31 16.20
C HIS B 183 12.22 -13.31 16.95
N LYS B 184 11.09 -12.85 17.48
CA LYS B 184 10.16 -13.71 18.21
C LYS B 184 9.45 -14.58 17.17
N ARG B 185 9.13 -13.98 16.03
CA ARG B 185 8.47 -14.69 14.98
C ARG B 185 9.53 -15.43 14.17
N GLY B 186 10.61 -14.76 13.83
CA GLY B 186 11.64 -15.44 13.09
C GLY B 186 12.34 -14.62 12.04
N PRO B 187 13.24 -15.25 11.29
CA PRO B 187 13.91 -14.47 10.25
C PRO B 187 12.85 -14.46 9.17
N GLY B 188 12.58 -13.28 8.64
CA GLY B 188 11.54 -13.19 7.64
C GLY B 188 10.50 -12.22 8.11
N PHE B 189 10.34 -12.13 9.43
CA PHE B 189 9.38 -11.22 10.05
C PHE B 189 10.01 -9.89 10.40
N THR B 190 9.21 -8.84 10.44
CA THR B 190 9.70 -7.49 10.74
C THR B 190 8.69 -6.84 11.68
N ARG B 191 9.12 -5.81 12.39
CA ARG B 191 8.20 -5.09 13.27
C ARG B 191 7.97 -3.72 12.65
N GLY B 192 8.60 -3.50 11.50
CA GLY B 192 8.51 -2.25 10.77
C GLY B 192 7.47 -2.38 9.68
N LEU B 193 6.21 -2.30 10.10
CA LEU B 193 5.05 -2.43 9.23
C LEU B 193 4.93 -1.25 8.29
N GLY B 194 5.66 -0.20 8.62
CA GLY B 194 5.68 1.00 7.81
C GLY B 194 6.50 0.76 6.56
N HIS B 195 7.20 -0.37 6.53
CA HIS B 195 8.04 -0.77 5.41
C HIS B 195 8.72 0.37 4.64
N GLY B 196 9.42 1.25 5.35
CA GLY B 196 10.09 2.35 4.66
C GLY B 196 10.53 3.49 5.55
N VAL B 197 10.86 4.62 4.91
CA VAL B 197 11.32 5.82 5.59
C VAL B 197 10.15 6.48 6.28
N ASP B 198 9.85 6.05 7.50
CA ASP B 198 8.76 6.65 8.23
C ASP B 198 9.18 7.32 9.52
N LEU B 199 10.48 7.42 9.75
CA LEU B 199 11.06 7.95 10.98
C LEU B 199 10.42 7.37 12.24
N ASN B 200 10.12 6.08 12.16
CA ASN B 200 9.53 5.42 13.31
C ASN B 200 10.61 5.25 14.36
N HIS B 201 11.86 5.19 13.90
CA HIS B 201 12.98 5.07 14.84
C HIS B 201 13.03 6.27 15.76
N ILE B 202 12.43 7.38 15.29
CA ILE B 202 12.36 8.64 16.03
C ILE B 202 11.04 8.79 16.79
N TYR B 203 9.95 8.54 16.09
CA TYR B 203 8.65 8.78 16.69
C TYR B 203 7.94 7.61 17.35
N GLY B 204 8.27 6.38 17.04
CA GLY B 204 7.56 5.31 17.67
C GLY B 204 6.90 4.42 16.63
N GLU B 205 6.83 3.13 16.91
CA GLU B 205 6.21 2.22 15.97
C GLU B 205 4.68 2.33 16.14
N THR B 206 4.25 2.65 17.35
CA THR B 206 2.84 2.76 17.66
C THR B 206 2.49 4.12 18.20
N LEU B 207 1.21 4.46 18.12
CA LEU B 207 0.70 5.75 18.59
C LEU B 207 0.88 5.82 20.08
N ASP B 208 0.77 4.67 20.73
CA ASP B 208 0.93 4.61 22.18
C ASP B 208 2.29 5.17 22.51
N ARG B 209 3.32 4.56 21.91
CA ARG B 209 4.70 4.97 22.11
C ARG B 209 4.86 6.42 21.69
N GLN B 210 4.47 6.71 20.46
CA GLN B 210 4.57 8.06 19.95
C GLN B 210 4.04 9.08 20.95
N HIS B 211 2.94 8.75 21.63
CA HIS B 211 2.38 9.66 22.62
C HIS B 211 3.24 9.73 23.86
N LYS B 212 3.82 8.60 24.28
CA LYS B 212 4.69 8.56 25.47
C LYS B 212 5.90 9.44 25.23
N LEU B 213 6.36 9.53 23.99
CA LEU B 213 7.50 10.36 23.66
C LEU B 213 7.14 11.84 23.43
N ARG B 214 5.86 12.18 23.45
CA ARG B 214 5.47 13.53 23.11
C ARG B 214 5.26 14.58 24.16
N LEU B 215 5.60 15.80 23.80
CA LEU B 215 5.46 16.87 24.74
C LEU B 215 4.00 17.26 24.82
N PHE B 216 3.39 17.36 23.64
CA PHE B 216 1.99 17.76 23.50
C PHE B 216 1.86 19.26 23.76
N LYS B 217 2.94 19.97 23.43
CA LYS B 217 3.04 21.42 23.57
C LYS B 217 3.89 21.86 22.39
N ASP B 218 3.45 22.89 21.67
CA ASP B 218 4.15 23.41 20.50
C ASP B 218 4.46 22.35 19.44
N GLY B 219 3.93 21.14 19.63
CA GLY B 219 4.14 20.06 18.68
C GLY B 219 5.45 19.33 18.92
N LYS B 220 6.13 19.76 19.97
CA LYS B 220 7.44 19.24 20.35
C LYS B 220 7.49 17.84 20.92
N LEU B 221 8.69 17.27 20.80
CA LEU B 221 9.03 15.93 21.27
C LEU B 221 9.50 16.13 22.72
N LYS B 222 9.22 15.18 23.60
CA LYS B 222 9.59 15.28 25.01
C LYS B 222 11.12 15.26 25.11
N TYR B 223 11.70 15.89 26.13
CA TYR B 223 13.16 15.93 26.24
C TYR B 223 13.68 16.35 27.60
N GLN B 224 14.98 16.17 27.84
CA GLN B 224 15.63 16.55 29.10
C GLN B 224 16.86 17.38 28.81
N VAL B 225 17.30 18.14 29.80
CA VAL B 225 18.47 19.00 29.67
C VAL B 225 19.50 18.69 30.75
N ILE B 226 20.55 18.00 30.32
CA ILE B 226 21.65 17.62 31.20
C ILE B 226 22.83 18.54 30.90
N GLY B 227 23.17 19.37 31.88
CA GLY B 227 24.24 20.31 31.73
C GLY B 227 24.00 21.32 30.60
N GLY B 228 22.78 21.85 30.50
CA GLY B 228 22.48 22.84 29.46
C GLY B 228 22.38 22.32 28.03
N GLU B 229 22.46 20.99 27.87
CA GLU B 229 22.37 20.36 26.57
C GLU B 229 21.09 19.54 26.54
N VAL B 230 20.52 19.43 25.36
CA VAL B 230 19.28 18.71 25.15
C VAL B 230 19.50 17.24 24.77
N TYR B 231 19.00 16.33 25.60
CA TYR B 231 19.12 14.90 25.33
C TYR B 231 17.73 14.30 25.44
N PRO B 232 17.53 13.10 24.90
CA PRO B 232 16.23 12.44 24.96
C PRO B 232 15.71 12.35 26.40
N PRO B 233 14.40 12.11 26.59
CA PRO B 233 13.82 12.01 27.93
C PRO B 233 14.25 10.67 28.55
N THR B 234 13.91 10.46 29.83
CA THR B 234 14.28 9.21 30.46
C THR B 234 13.22 8.15 30.35
N VAL B 235 13.65 6.89 30.47
CA VAL B 235 12.75 5.76 30.39
C VAL B 235 11.91 5.74 31.67
N LYS B 236 12.11 6.71 32.55
CA LYS B 236 11.31 6.74 33.75
C LYS B 236 10.32 7.89 33.64
N ASP B 237 10.72 8.96 32.97
CA ASP B 237 9.83 10.12 32.80
C ASP B 237 8.75 9.69 31.85
N THR B 238 9.14 9.43 30.61
CA THR B 238 8.24 8.92 29.59
C THR B 238 8.18 7.49 30.06
N GLN B 239 7.19 6.73 29.66
CA GLN B 239 7.20 5.37 30.16
C GLN B 239 7.53 4.34 29.07
N VAL B 240 8.23 4.83 28.05
CA VAL B 240 8.58 4.01 26.89
C VAL B 240 9.73 3.05 27.09
N GLU B 241 9.44 1.75 26.94
CA GLU B 241 10.44 0.68 27.09
C GLU B 241 11.62 0.81 26.17
N MET B 242 12.78 0.47 26.69
CA MET B 242 14.01 0.57 25.93
C MET B 242 14.85 -0.63 26.29
N ILE B 243 15.90 -0.89 25.49
CA ILE B 243 16.80 -2.01 25.80
C ILE B 243 18.07 -1.45 26.43
N TYR B 244 18.16 -1.58 27.75
CA TYR B 244 19.27 -1.14 28.61
C TYR B 244 19.55 -2.20 29.68
N PRO B 245 20.82 -2.56 29.87
CA PRO B 245 21.11 -3.55 30.90
C PRO B 245 20.90 -2.90 32.26
N PRO B 246 20.40 -3.68 33.22
CA PRO B 246 20.12 -3.24 34.59
C PRO B 246 21.18 -2.35 35.23
N HIS B 247 22.43 -2.55 34.85
CA HIS B 247 23.53 -1.75 35.40
C HIS B 247 23.60 -0.39 34.67
N ILE B 248 22.44 0.21 34.42
CA ILE B 248 22.36 1.46 33.68
C ILE B 248 21.58 2.55 34.45
N PRO B 249 22.25 3.68 34.76
CA PRO B 249 21.64 4.80 35.48
C PRO B 249 20.33 5.32 34.90
N GLU B 250 19.46 5.77 35.82
CA GLU B 250 18.15 6.28 35.46
C GLU B 250 18.30 7.32 34.37
N ASN B 251 19.09 8.34 34.68
CA ASN B 251 19.39 9.45 33.78
C ASN B 251 20.08 9.01 32.51
N LEU B 252 20.58 7.78 32.50
CA LEU B 252 21.27 7.21 31.37
C LEU B 252 20.30 6.63 30.38
N GLN B 253 19.23 6.04 30.89
CA GLN B 253 18.22 5.41 30.05
C GLN B 253 17.44 6.40 29.17
N PHE B 254 17.96 6.65 27.97
CA PHE B 254 17.34 7.56 27.03
C PHE B 254 16.14 6.84 26.37
N ALA B 255 15.07 7.60 26.10
CA ALA B 255 13.83 7.07 25.50
C ALA B 255 13.86 6.92 23.98
N VAL B 256 13.98 8.04 23.29
CA VAL B 256 14.08 8.05 21.84
C VAL B 256 13.04 7.44 20.89
N GLY B 257 12.66 6.18 21.00
CA GLY B 257 11.68 5.75 20.02
C GLY B 257 11.96 4.39 19.46
N GLN B 258 13.11 4.22 18.84
CA GLN B 258 13.45 2.88 18.37
C GLN B 258 13.94 2.19 19.64
N GLU B 259 13.27 1.11 20.05
CA GLU B 259 13.62 0.39 21.30
C GLU B 259 15.06 -0.13 21.48
N VAL B 260 15.88 -0.05 20.43
CA VAL B 260 17.23 -0.55 20.55
C VAL B 260 18.38 0.46 20.46
N PHE B 261 18.10 1.68 20.01
CA PHE B 261 19.13 2.69 19.83
C PHE B 261 19.91 3.11 21.07
N GLY B 262 19.55 2.54 22.22
CA GLY B 262 20.25 2.89 23.44
C GLY B 262 21.54 2.12 23.69
N LEU B 263 21.68 1.01 22.97
CA LEU B 263 22.85 0.14 23.11
C LEU B 263 24.14 0.60 22.41
N VAL B 264 24.13 1.75 21.74
CA VAL B 264 25.34 2.25 21.06
C VAL B 264 25.38 3.78 20.96
N PRO B 265 26.36 4.41 21.60
CA PRO B 265 26.50 5.87 21.59
C PRO B 265 26.48 6.48 20.19
N GLY B 266 26.81 5.70 19.18
CA GLY B 266 26.74 6.22 17.82
C GLY B 266 25.27 6.54 17.53
N LEU B 267 24.40 5.55 17.70
CA LEU B 267 22.95 5.67 17.52
C LEU B 267 22.37 6.85 18.31
N MET B 268 22.47 6.77 19.62
CA MET B 268 21.96 7.81 20.48
C MET B 268 22.49 9.20 20.13
N MET B 269 23.56 9.27 19.35
CA MET B 269 24.14 10.55 19.00
C MET B 269 23.23 11.15 18.00
N TYR B 270 22.94 10.36 16.99
CA TYR B 270 22.05 10.79 15.92
C TYR B 270 20.62 10.93 16.48
N ALA B 271 20.26 10.06 17.42
CA ALA B 271 18.97 10.13 18.09
C ALA B 271 18.78 11.55 18.67
N THR B 272 19.76 12.00 19.42
CA THR B 272 19.72 13.32 20.02
C THR B 272 19.77 14.43 18.98
N ILE B 273 20.29 14.14 17.80
CA ILE B 273 20.36 15.18 16.81
C ILE B 273 19.00 15.38 16.20
N TRP B 274 18.35 14.28 15.80
CA TRP B 274 17.04 14.39 15.19
C TRP B 274 16.07 14.89 16.24
N LEU B 275 16.14 14.38 17.46
CA LEU B 275 15.24 14.84 18.50
C LEU B 275 15.33 16.36 18.61
N ARG B 276 16.49 16.90 18.29
CA ARG B 276 16.63 18.34 18.35
C ARG B 276 16.00 18.94 17.10
N GLU B 277 16.22 18.33 15.95
CA GLU B 277 15.67 18.84 14.69
C GLU B 277 14.14 18.95 14.75
N HIS B 278 13.48 17.88 15.20
CA HIS B 278 12.03 17.91 15.34
C HIS B 278 11.71 19.25 16.02
N GLN B 279 11.95 19.37 17.32
CA GLN B 279 11.73 20.62 18.04
C GLN B 279 12.10 21.87 17.25
N ARG B 280 13.19 21.82 16.51
CA ARG B 280 13.64 22.99 15.77
C ARG B 280 12.59 23.43 14.78
N VAL B 281 12.23 22.52 13.89
CA VAL B 281 11.21 22.76 12.87
C VAL B 281 9.89 23.17 13.53
N CYS B 282 9.61 22.61 14.71
CA CYS B 282 8.40 22.93 15.47
C CYS B 282 8.36 24.41 15.71
N ASP B 283 9.52 24.99 15.99
CA ASP B 283 9.60 26.43 16.23
C ASP B 283 9.44 27.15 14.90
N ILE B 284 10.15 26.68 13.89
CA ILE B 284 10.07 27.28 12.57
C ILE B 284 8.62 27.27 12.12
N LEU B 285 7.82 26.32 12.63
CA LEU B 285 6.42 26.29 12.24
C LEU B 285 5.55 27.19 13.13
N LYS B 286 5.65 27.04 14.45
CA LYS B 286 4.85 27.87 15.35
C LYS B 286 4.87 29.36 15.02
N GLN B 287 6.01 29.93 14.69
CA GLN B 287 5.93 31.33 14.39
C GLN B 287 5.74 31.62 12.93
N GLU B 288 5.14 30.65 12.26
CA GLU B 288 4.78 30.72 10.85
C GLU B 288 3.29 30.36 10.83
N HIS B 289 2.83 29.78 11.93
CA HIS B 289 1.45 29.40 12.11
C HIS B 289 1.15 29.47 13.58
N PRO B 290 1.25 30.69 14.15
CA PRO B 290 1.01 30.97 15.58
C PRO B 290 -0.35 30.44 15.97
N GLU B 291 -1.18 30.32 14.96
CA GLU B 291 -2.53 29.84 15.12
C GLU B 291 -2.71 28.34 14.98
N TRP B 292 -1.61 27.58 14.92
CA TRP B 292 -1.71 26.13 14.80
C TRP B 292 -1.74 25.58 16.20
N GLY B 293 -2.29 24.39 16.35
CA GLY B 293 -2.32 23.78 17.66
C GLY B 293 -1.22 22.74 17.67
N ASP B 294 -1.11 21.99 18.76
CA ASP B 294 -0.07 20.95 18.90
C ASP B 294 -0.01 19.96 17.71
N GLU B 295 -1.00 19.09 17.61
CA GLU B 295 -1.02 18.08 16.56
C GLU B 295 -0.53 18.47 15.21
N GLN B 296 -0.98 19.58 14.69
CA GLN B 296 -0.55 19.90 13.36
C GLN B 296 0.91 20.24 13.37
N LEU B 297 1.35 20.97 14.40
CA LEU B 297 2.77 21.29 14.49
C LEU B 297 3.53 19.96 14.52
N PHE B 298 3.12 19.02 15.36
CA PHE B 298 3.76 17.73 15.38
C PHE B 298 3.73 17.11 13.99
N GLN B 299 2.59 16.57 13.61
CA GLN B 299 2.38 15.92 12.33
C GLN B 299 3.03 16.56 11.10
N THR B 300 3.09 17.89 11.08
CA THR B 300 3.71 18.62 9.96
C THR B 300 5.22 18.37 10.04
N SER B 301 5.79 18.73 11.20
CA SER B 301 7.20 18.53 11.49
C SER B 301 7.62 17.09 11.09
N LYS B 302 6.93 16.07 11.62
CA LYS B 302 7.27 14.68 11.25
C LYS B 302 7.31 14.53 9.73
N LEU B 303 6.50 15.31 9.03
CA LEU B 303 6.46 15.23 7.59
C LEU B 303 7.70 15.83 7.01
N ILE B 304 8.09 17.00 7.52
CA ILE B 304 9.31 17.65 7.05
C ILE B 304 10.59 16.82 7.28
N LEU B 305 10.71 16.20 8.46
CA LEU B 305 11.88 15.37 8.75
C LEU B 305 11.95 14.22 7.81
N ILE B 306 10.82 13.63 7.44
CA ILE B 306 10.87 12.53 6.48
C ILE B 306 11.36 13.11 5.16
N GLY B 307 11.26 14.41 4.99
CA GLY B 307 11.70 14.98 3.72
C GLY B 307 13.19 15.10 3.77
N GLU B 308 13.67 15.72 4.85
CA GLU B 308 15.08 15.92 5.09
C GLU B 308 15.77 14.58 4.97
N THR B 309 15.41 13.64 5.82
CA THR B 309 15.98 12.30 5.79
C THR B 309 16.19 11.80 4.36
N ILE B 310 15.18 11.95 3.55
CA ILE B 310 15.28 11.46 2.18
C ILE B 310 16.24 12.29 1.36
N LYS B 311 16.20 13.61 1.54
CA LYS B 311 17.06 14.56 0.81
C LYS B 311 18.52 14.32 1.14
N ILE B 312 18.82 14.08 2.42
CA ILE B 312 20.17 13.77 2.83
C ILE B 312 20.51 12.42 2.21
N VAL B 313 19.91 11.33 2.69
CA VAL B 313 20.17 10.01 2.13
C VAL B 313 20.38 9.95 0.62
N ILE B 314 19.78 10.84 -0.15
CA ILE B 314 20.00 10.79 -1.58
C ILE B 314 21.16 11.69 -2.00
N GLU B 315 21.21 12.90 -1.45
CA GLU B 315 22.23 13.86 -1.85
C GLU B 315 23.59 13.91 -1.16
N ASP B 316 23.71 13.24 -0.02
CA ASP B 316 24.97 13.17 0.72
C ASP B 316 25.29 11.70 0.70
N TYR B 317 24.68 10.95 1.61
CA TYR B 317 24.83 9.50 1.71
C TYR B 317 25.06 8.83 0.36
N VAL B 318 24.00 8.47 -0.35
CA VAL B 318 24.19 7.81 -1.64
C VAL B 318 25.25 8.45 -2.53
N GLN B 319 25.28 9.77 -2.60
CA GLN B 319 26.25 10.48 -3.43
C GLN B 319 27.66 10.01 -3.12
N HIS B 320 27.98 10.03 -1.83
CA HIS B 320 29.27 9.63 -1.35
C HIS B 320 29.49 8.18 -1.65
N LEU B 321 28.68 7.35 -1.03
CA LEU B 321 28.75 5.92 -1.19
C LEU B 321 28.87 5.47 -2.65
N SER B 322 28.61 6.36 -3.61
CA SER B 322 28.67 5.93 -5.01
C SER B 322 29.89 6.43 -5.72
N GLY B 323 30.46 7.51 -5.20
CA GLY B 323 31.64 8.12 -5.79
C GLY B 323 31.36 8.65 -7.18
N TYR B 324 30.10 8.68 -7.57
CA TYR B 324 29.71 9.18 -8.88
C TYR B 324 30.16 10.61 -8.98
N HIS B 325 30.42 11.05 -10.20
CA HIS B 325 30.81 12.43 -10.44
C HIS B 325 29.56 13.21 -10.74
N PHE B 326 28.54 12.50 -11.22
CA PHE B 326 27.27 13.12 -11.49
C PHE B 326 26.64 13.45 -10.14
N LYS B 327 26.02 14.62 -10.05
CA LYS B 327 25.39 15.05 -8.80
C LYS B 327 23.97 14.55 -8.63
N LEU B 328 23.80 13.46 -7.88
CA LEU B 328 22.48 12.91 -7.62
C LEU B 328 21.53 14.00 -7.14
N LYS B 329 20.23 13.78 -7.37
CA LYS B 329 19.19 14.77 -7.05
C LYS B 329 17.95 14.14 -6.48
N PHE B 330 17.38 14.80 -5.46
CA PHE B 330 16.12 14.35 -4.88
C PHE B 330 15.08 15.30 -5.50
N ASP B 331 14.31 14.77 -6.44
CA ASP B 331 13.30 15.58 -7.10
C ASP B 331 12.09 14.74 -7.47
N PRO B 332 11.12 14.65 -6.55
CA PRO B 332 9.91 13.87 -6.77
C PRO B 332 9.27 14.15 -8.14
N GLU B 333 9.31 15.41 -8.55
CA GLU B 333 8.76 15.81 -9.84
C GLU B 333 9.37 15.15 -11.08
N LEU B 334 10.44 14.37 -10.93
CA LEU B 334 11.06 13.74 -12.10
C LEU B 334 10.35 12.46 -12.47
N LEU B 335 9.68 11.84 -11.50
CA LEU B 335 8.99 10.59 -11.73
C LEU B 335 7.55 10.83 -12.10
N PHE B 336 7.13 12.10 -12.04
CA PHE B 336 5.76 12.45 -12.32
C PHE B 336 5.27 11.91 -13.66
N ASN B 337 5.86 12.33 -14.77
CA ASN B 337 5.42 11.83 -16.07
C ASN B 337 5.83 10.37 -16.26
N GLN B 338 6.18 9.68 -15.18
CA GLN B 338 6.64 8.30 -15.27
C GLN B 338 5.78 7.34 -14.54
N GLN B 339 5.76 6.12 -15.05
CA GLN B 339 5.01 5.06 -14.41
C GLN B 339 5.82 4.85 -13.13
N PHE B 340 5.18 4.57 -12.00
CA PHE B 340 5.91 4.35 -10.77
C PHE B 340 4.94 4.03 -9.66
N GLN B 341 5.27 3.09 -8.80
CA GLN B 341 4.38 2.76 -7.71
C GLN B 341 4.78 3.47 -6.42
N TYR B 342 3.93 4.36 -5.92
CA TYR B 342 4.28 5.04 -4.69
C TYR B 342 3.97 4.15 -3.50
N GLN B 343 4.63 3.01 -3.45
CA GLN B 343 4.45 2.08 -2.35
C GLN B 343 5.73 1.26 -2.22
N ASN B 344 5.97 0.72 -1.02
CA ASN B 344 7.18 -0.09 -0.77
C ASN B 344 7.06 -1.18 0.31
N ARG B 345 7.68 -2.33 0.05
CA ARG B 345 7.72 -3.45 0.99
C ARG B 345 9.21 -3.90 1.11
N ILE B 346 9.79 -3.90 2.31
CA ILE B 346 11.19 -4.29 2.41
C ILE B 346 11.51 -5.80 2.37
N ALA B 347 12.38 -6.17 1.43
CA ALA B 347 12.79 -7.55 1.21
C ALA B 347 13.84 -8.05 2.16
N SER B 348 13.89 -9.36 2.37
CA SER B 348 14.92 -9.93 3.21
C SER B 348 16.24 -9.49 2.54
N GLU B 349 16.45 -9.92 1.30
CA GLU B 349 17.68 -9.63 0.56
C GLU B 349 18.25 -8.23 0.71
N PHE B 350 17.39 -7.26 1.02
CA PHE B 350 17.87 -5.89 1.18
C PHE B 350 18.41 -5.73 2.58
N ASN B 351 17.75 -6.39 3.52
CA ASN B 351 18.19 -6.36 4.92
C ASN B 351 19.60 -6.98 4.95
N THR B 352 19.70 -8.20 4.42
CA THR B 352 20.93 -8.99 4.36
C THR B 352 22.12 -8.22 3.81
N LEU B 353 22.08 -7.83 2.56
CA LEU B 353 23.21 -7.12 1.97
C LEU B 353 23.63 -5.89 2.76
N TYR B 354 22.69 -5.34 3.53
CA TYR B 354 22.98 -4.16 4.32
C TYR B 354 23.66 -4.46 5.65
N HIS B 355 24.15 -5.68 5.85
CA HIS B 355 24.86 -6.02 7.08
C HIS B 355 26.34 -5.60 6.89
N TRP B 356 26.57 -4.29 6.86
CA TRP B 356 27.89 -3.67 6.67
C TRP B 356 28.72 -3.55 7.94
N HIS B 357 28.77 -4.63 8.71
CA HIS B 357 29.57 -4.64 9.92
C HIS B 357 31.04 -4.27 9.60
N PRO B 358 31.59 -4.74 8.46
CA PRO B 358 32.97 -4.39 8.14
C PRO B 358 33.30 -2.91 8.37
N LEU B 359 32.32 -2.03 8.11
CA LEU B 359 32.52 -0.59 8.28
C LEU B 359 33.08 -0.26 9.65
N LEU B 360 32.68 -1.04 10.63
CA LEU B 360 33.11 -0.83 11.99
C LEU B 360 34.61 -0.90 12.26
N PRO B 361 35.14 0.08 12.99
CA PRO B 361 36.56 0.14 13.33
C PRO B 361 36.87 -0.85 14.45
N ASP B 362 38.15 -0.91 14.84
CA ASP B 362 38.63 -1.79 15.91
C ASP B 362 38.44 -1.14 17.26
N THR B 363 38.46 0.18 17.24
CA THR B 363 38.23 0.97 18.43
C THR B 363 37.43 2.21 18.08
N PHE B 364 36.84 2.81 19.10
CA PHE B 364 36.08 4.02 18.86
C PHE B 364 36.81 5.16 19.52
N ASN B 365 37.58 5.83 18.69
CA ASN B 365 38.36 6.93 19.15
C ASN B 365 37.57 8.22 19.09
N ILE B 366 37.27 8.75 20.27
CA ILE B 366 36.56 10.03 20.35
C ILE B 366 37.64 11.03 20.77
N GLU B 367 38.58 11.18 19.83
CA GLU B 367 39.79 12.04 19.91
C GLU B 367 40.22 12.37 21.33
N ASP B 368 41.35 11.76 21.69
CA ASP B 368 41.99 11.85 23.01
C ASP B 368 41.39 10.73 23.85
N GLN B 369 41.05 9.63 23.19
CA GLN B 369 40.51 8.47 23.85
C GLN B 369 40.33 7.35 22.87
N GLU B 370 40.13 6.13 23.37
CA GLU B 370 39.95 5.00 22.50
C GLU B 370 39.20 3.95 23.25
N TYR B 371 38.10 3.47 22.67
CA TYR B 371 37.27 2.49 23.35
C TYR B 371 37.17 1.15 22.64
N SER B 372 37.12 0.11 23.43
CA SER B 372 36.96 -1.23 22.90
C SER B 372 35.43 -1.33 22.80
N PHE B 373 34.95 -2.16 21.89
CA PHE B 373 33.51 -2.34 21.76
C PHE B 373 32.95 -2.54 23.14
N LYS B 374 33.57 -3.47 23.86
CA LYS B 374 33.16 -3.82 25.22
C LYS B 374 32.73 -2.63 26.05
N GLN B 375 33.40 -1.49 25.87
CA GLN B 375 33.08 -0.28 26.64
C GLN B 375 32.33 0.82 25.91
N PHE B 376 32.14 0.66 24.60
CA PHE B 376 31.38 1.65 23.84
C PHE B 376 29.92 1.24 23.99
N LEU B 377 29.66 -0.05 23.80
CA LEU B 377 28.29 -0.55 23.90
C LEU B 377 27.50 -0.14 25.14
N TYR B 378 26.30 0.38 24.86
CA TYR B 378 25.34 0.87 25.83
C TYR B 378 25.89 1.65 27.03
N ASN B 379 26.71 2.65 26.72
CA ASN B 379 27.33 3.52 27.71
C ASN B 379 26.69 4.94 27.75
N ASN B 380 26.22 5.33 28.94
CA ASN B 380 25.62 6.67 29.17
C ASN B 380 26.71 7.69 28.86
N SER B 381 27.69 7.63 29.76
CA SER B 381 28.87 8.46 29.83
C SER B 381 29.46 9.00 28.53
N ILE B 382 30.13 8.16 27.75
CA ILE B 382 30.77 8.60 26.52
C ILE B 382 30.09 9.78 25.80
N LEU B 383 28.77 9.70 25.66
CA LEU B 383 28.04 10.78 24.98
C LEU B 383 27.95 11.96 25.93
N LEU B 384 27.46 11.69 27.13
CA LEU B 384 27.36 12.73 28.15
C LEU B 384 28.66 13.46 28.41
N GLU B 385 29.78 12.74 28.38
CA GLU B 385 31.12 13.29 28.62
C GLU B 385 31.67 14.11 27.47
N HIS B 386 31.76 13.51 26.29
CA HIS B 386 32.32 14.22 25.15
C HIS B 386 31.35 15.22 24.55
N GLY B 387 30.06 14.88 24.62
CA GLY B 387 29.03 15.74 24.08
C GLY B 387 28.93 15.60 22.57
N LEU B 388 27.86 16.15 22.00
CA LEU B 388 27.67 16.06 20.58
C LEU B 388 28.80 16.72 19.79
N THR B 389 29.31 17.86 20.28
CA THR B 389 30.37 18.54 19.54
C THR B 389 31.61 17.67 19.37
N GLN B 390 32.28 17.36 20.48
CA GLN B 390 33.47 16.51 20.40
C GLN B 390 32.96 15.10 20.40
N PHE B 391 32.44 14.74 19.23
CA PHE B 391 31.86 13.43 18.92
C PHE B 391 31.67 13.60 17.43
N VAL B 392 31.09 14.73 17.04
CA VAL B 392 30.90 15.00 15.64
C VAL B 392 32.33 15.19 15.12
N GLU B 393 33.12 16.02 15.81
CA GLU B 393 34.53 16.25 15.43
C GLU B 393 35.29 14.91 15.46
N SER B 394 35.30 14.25 16.60
CA SER B 394 35.99 12.98 16.71
C SER B 394 35.58 11.91 15.71
N PHE B 395 34.42 12.06 15.07
CA PHE B 395 33.96 11.03 14.15
C PHE B 395 34.08 11.36 12.70
N THR B 396 34.02 12.64 12.35
CA THR B 396 34.20 13.04 10.96
C THR B 396 35.61 12.52 10.67
N ARG B 397 36.49 12.72 11.67
CA ARG B 397 37.88 12.28 11.63
C ARG B 397 37.93 10.85 12.20
N GLN B 398 37.77 9.85 11.32
CA GLN B 398 37.88 8.43 11.66
C GLN B 398 37.34 7.60 10.55
N ILE B 399 38.26 6.99 9.81
CA ILE B 399 37.95 6.17 8.68
C ILE B 399 37.29 4.91 9.15
N ALA B 400 36.49 4.35 8.26
CA ALA B 400 35.75 3.13 8.50
C ALA B 400 36.32 2.05 7.60
N GLY B 401 35.92 0.82 7.87
CA GLY B 401 36.39 -0.34 7.14
C GLY B 401 36.06 -0.37 5.67
N ARG B 402 36.11 -1.57 5.11
CA ARG B 402 35.78 -1.76 3.71
C ARG B 402 34.97 -3.02 3.67
N VAL B 403 33.79 -2.93 3.08
CA VAL B 403 32.87 -4.04 3.01
C VAL B 403 33.22 -5.13 2.01
N ALA B 404 33.37 -4.75 0.76
CA ALA B 404 33.67 -5.75 -0.24
C ALA B 404 35.15 -6.15 -0.37
N GLY B 405 35.92 -5.97 0.70
CA GLY B 405 37.32 -6.34 0.60
C GLY B 405 37.48 -7.86 0.77
N GLY B 406 37.36 -8.27 2.02
CA GLY B 406 37.48 -9.66 2.40
C GLY B 406 37.98 -9.50 3.82
N ARG B 407 37.91 -10.58 4.59
CA ARG B 407 38.39 -10.57 5.98
C ARG B 407 38.43 -9.21 6.66
N ASN B 408 37.28 -8.57 6.87
CA ASN B 408 37.26 -7.27 7.54
C ASN B 408 36.24 -7.14 8.69
N VAL B 409 35.46 -8.19 8.93
CA VAL B 409 34.48 -8.16 10.01
C VAL B 409 35.15 -8.16 11.38
N PRO B 410 34.91 -7.12 12.20
CA PRO B 410 35.54 -7.10 13.51
C PRO B 410 35.18 -8.37 14.21
N ILE B 411 36.13 -8.96 14.92
CA ILE B 411 35.92 -10.19 15.66
C ILE B 411 34.76 -10.04 16.65
N ALA B 412 34.63 -8.86 17.27
CA ALA B 412 33.59 -8.59 18.27
C ALA B 412 32.22 -8.93 17.68
N VAL B 413 31.99 -8.33 16.53
CA VAL B 413 30.79 -8.49 15.78
C VAL B 413 30.75 -9.88 15.12
N GLN B 414 31.76 -10.72 15.33
CA GLN B 414 31.78 -12.03 14.69
C GLN B 414 30.54 -12.86 14.90
N ALA B 415 29.94 -12.77 16.08
CA ALA B 415 28.71 -13.55 16.38
C ALA B 415 27.62 -13.22 15.36
N VAL B 416 27.42 -11.92 15.17
CA VAL B 416 26.45 -11.37 14.25
C VAL B 416 26.70 -11.96 12.87
N ALA B 417 27.80 -11.55 12.24
CA ALA B 417 28.18 -12.04 10.93
C ALA B 417 27.94 -13.55 10.74
N LYS B 418 28.13 -14.34 11.79
CA LYS B 418 27.91 -15.76 11.61
C LYS B 418 26.42 -15.95 11.41
N ALA B 419 25.64 -15.45 12.38
CA ALA B 419 24.18 -15.50 12.37
C ALA B 419 23.67 -15.18 10.97
N SER B 420 24.10 -14.04 10.43
CA SER B 420 23.70 -13.61 9.10
C SER B 420 23.89 -14.75 8.13
N ILE B 421 25.02 -15.45 8.25
CA ILE B 421 25.29 -16.56 7.36
C ILE B 421 24.34 -17.71 7.64
N ASP B 422 24.12 -18.01 8.91
CA ASP B 422 23.23 -19.14 9.16
C ASP B 422 21.73 -18.83 9.44
N GLN B 423 21.32 -17.62 9.10
CA GLN B 423 19.92 -17.19 9.22
C GLN B 423 19.43 -17.18 7.77
N SER B 424 20.20 -16.56 6.89
CA SER B 424 19.83 -16.54 5.49
C SER B 424 19.70 -17.97 5.03
N ARG B 425 20.37 -18.85 5.75
CA ARG B 425 20.33 -20.26 5.45
C ARG B 425 18.98 -20.75 5.92
N GLU B 426 18.53 -20.22 7.05
CA GLU B 426 17.24 -20.63 7.61
C GLU B 426 16.13 -20.27 6.63
N MET B 427 16.20 -19.04 6.13
CA MET B 427 15.22 -18.50 5.20
C MET B 427 15.47 -19.04 3.81
N LYS B 428 15.75 -20.35 3.69
CA LYS B 428 16.10 -21.01 2.43
C LYS B 428 16.44 -20.17 1.20
N TYR B 429 17.47 -19.32 1.31
CA TYR B 429 17.92 -18.46 0.21
C TYR B 429 18.48 -19.22 -0.96
N GLN B 430 18.71 -18.49 -2.03
CA GLN B 430 19.26 -19.07 -3.25
C GLN B 430 20.68 -18.57 -3.45
N SER B 431 21.38 -19.25 -4.35
CA SER B 431 22.76 -18.94 -4.67
C SER B 431 23.05 -17.50 -5.06
N LEU B 432 24.28 -17.08 -4.78
CA LEU B 432 24.80 -15.76 -5.07
C LEU B 432 24.53 -15.54 -6.52
N ASN B 433 24.68 -16.61 -7.28
CA ASN B 433 24.50 -16.51 -8.73
C ASN B 433 23.05 -16.34 -9.23
N GLU B 434 22.14 -17.04 -8.57
CA GLU B 434 20.73 -16.93 -8.90
C GLU B 434 20.33 -15.48 -8.61
N TYR B 435 20.85 -14.91 -7.51
CA TYR B 435 20.56 -13.52 -7.19
C TYR B 435 21.22 -12.57 -8.17
N ARG B 436 22.28 -13.01 -8.80
CA ARG B 436 22.99 -12.18 -9.76
C ARG B 436 22.21 -12.11 -11.05
N LYS B 437 21.83 -13.26 -11.56
CA LYS B 437 21.06 -13.31 -12.81
C LYS B 437 19.73 -12.61 -12.54
N ARG B 438 19.21 -12.80 -11.33
CA ARG B 438 17.97 -12.16 -10.91
C ARG B 438 18.06 -10.65 -11.10
N PHE B 439 19.23 -10.06 -10.86
CA PHE B 439 19.34 -8.62 -11.06
C PHE B 439 20.10 -8.24 -12.30
N SER B 440 20.02 -9.09 -13.33
CA SER B 440 20.68 -8.80 -14.62
C SER B 440 22.22 -8.89 -14.66
N LEU B 441 22.80 -9.61 -13.72
CA LEU B 441 24.24 -9.74 -13.68
C LEU B 441 24.56 -11.13 -14.19
N LYS B 442 25.76 -11.27 -14.76
CA LYS B 442 26.18 -12.55 -15.30
C LYS B 442 26.72 -13.39 -14.14
N PRO B 443 26.47 -14.68 -14.19
CA PRO B 443 26.94 -15.57 -13.15
C PRO B 443 28.45 -15.69 -13.13
N TYR B 444 28.99 -15.76 -11.92
CA TYR B 444 30.42 -15.92 -11.74
C TYR B 444 30.74 -17.37 -12.14
N THR B 445 31.88 -17.55 -12.81
CA THR B 445 32.36 -18.84 -13.29
C THR B 445 33.43 -19.51 -12.42
N SER B 446 33.91 -18.79 -11.41
CA SER B 446 34.95 -19.29 -10.52
C SER B 446 35.10 -18.39 -9.30
N PHE B 447 35.37 -18.96 -8.14
CA PHE B 447 35.49 -18.13 -6.95
C PHE B 447 36.57 -17.10 -7.13
N GLU B 448 37.45 -17.47 -8.02
CA GLU B 448 38.59 -16.69 -8.34
C GLU B 448 38.10 -15.42 -9.06
N GLU B 449 37.12 -15.57 -9.95
CA GLU B 449 36.56 -14.40 -10.65
C GLU B 449 35.82 -13.55 -9.61
N LEU B 450 35.09 -14.22 -8.73
CA LEU B 450 34.35 -13.58 -7.68
C LEU B 450 35.22 -12.64 -6.87
N THR B 451 36.28 -13.18 -6.29
CA THR B 451 37.19 -12.38 -5.44
C THR B 451 38.15 -11.53 -6.21
N GLY B 452 38.57 -12.03 -7.37
CA GLY B 452 39.53 -11.31 -8.20
C GLY B 452 40.95 -11.48 -7.66
N GLU B 453 41.15 -12.65 -7.02
CA GLU B 453 42.41 -13.03 -6.41
C GLU B 453 42.32 -14.52 -6.17
N LYS B 454 43.34 -15.14 -5.58
CA LYS B 454 43.19 -16.57 -5.36
C LYS B 454 43.43 -17.09 -3.99
N GLU B 455 43.97 -16.28 -3.10
CA GLU B 455 44.16 -16.88 -1.79
C GLU B 455 42.80 -17.30 -1.18
N MET B 456 41.87 -16.36 -1.16
CA MET B 456 40.55 -16.61 -0.65
C MET B 456 39.77 -17.48 -1.64
N ALA B 457 39.93 -17.18 -2.92
CA ALA B 457 39.24 -17.91 -3.96
C ALA B 457 39.43 -19.40 -3.79
N ALA B 458 40.69 -19.80 -3.64
CA ALA B 458 41.05 -21.20 -3.47
C ALA B 458 40.51 -21.78 -2.16
N GLU B 459 40.37 -20.93 -1.16
CA GLU B 459 39.84 -21.41 0.10
C GLU B 459 38.34 -21.65 -0.03
N LEU B 460 37.62 -20.69 -0.62
CA LEU B 460 36.17 -20.83 -0.82
C LEU B 460 35.90 -22.11 -1.61
N LYS B 461 36.66 -22.34 -2.68
CA LYS B 461 36.47 -23.55 -3.49
C LYS B 461 36.66 -24.80 -2.66
N ALA B 462 37.43 -24.68 -1.59
CA ALA B 462 37.64 -25.82 -0.70
C ALA B 462 36.31 -26.15 -0.08
N LEU B 463 35.68 -25.09 0.43
CA LEU B 463 34.39 -25.16 1.10
C LEU B 463 33.15 -25.44 0.19
N TYR B 464 32.92 -24.62 -0.85
CA TYR B 464 31.76 -24.80 -1.74
C TYR B 464 31.86 -25.81 -2.87
N SER B 465 32.95 -25.77 -3.64
CA SER B 465 33.18 -26.65 -4.78
C SER B 465 32.55 -26.09 -6.06
N ASP B 466 31.22 -25.94 -6.08
CA ASP B 466 30.56 -25.35 -7.25
C ASP B 466 30.40 -23.87 -6.96
N ILE B 467 30.79 -23.01 -7.89
CA ILE B 467 30.65 -21.56 -7.73
C ILE B 467 29.15 -21.24 -7.65
N ASP B 468 28.37 -22.04 -8.37
CA ASP B 468 26.93 -21.90 -8.38
C ASP B 468 26.35 -22.40 -7.06
N VAL B 469 27.11 -22.29 -5.98
CA VAL B 469 26.66 -22.70 -4.67
C VAL B 469 27.28 -21.72 -3.72
N MET B 470 27.94 -20.71 -4.27
CA MET B 470 28.49 -19.73 -3.39
C MET B 470 27.26 -19.01 -2.82
N GLU B 471 27.21 -18.81 -1.52
CA GLU B 471 26.12 -18.09 -0.84
C GLU B 471 26.16 -16.56 -1.13
N LEU B 472 25.00 -15.90 -1.10
CA LEU B 472 24.93 -14.45 -1.35
C LEU B 472 25.63 -13.55 -0.32
N TYR B 473 25.32 -13.73 0.97
CA TYR B 473 25.93 -12.88 2.02
C TYR B 473 27.47 -12.83 1.98
N PRO B 474 28.15 -13.97 2.22
CA PRO B 474 29.60 -14.02 2.20
C PRO B 474 30.18 -13.36 0.94
N ALA B 475 29.67 -13.78 -0.21
CA ALA B 475 30.13 -13.24 -1.46
C ALA B 475 30.16 -11.73 -1.47
N LEU B 476 29.18 -11.11 -0.82
CA LEU B 476 29.12 -9.66 -0.81
C LEU B 476 30.29 -9.02 -0.05
N LEU B 477 30.71 -9.65 1.05
CA LEU B 477 31.81 -9.17 1.89
C LEU B 477 33.21 -9.54 1.34
N VAL B 478 33.23 -10.47 0.40
CA VAL B 478 34.43 -10.98 -0.25
C VAL B 478 34.68 -10.30 -1.61
N GLU B 479 33.79 -10.56 -2.55
CA GLU B 479 33.83 -10.00 -3.89
C GLU B 479 34.82 -8.88 -4.20
N LYS B 480 35.43 -8.94 -5.37
CA LYS B 480 36.38 -7.93 -5.79
C LYS B 480 35.80 -6.51 -5.73
N PRO B 481 36.36 -5.64 -4.90
CA PRO B 481 35.83 -4.27 -4.86
C PRO B 481 35.91 -3.59 -6.18
N ARG B 482 34.89 -2.82 -6.48
CA ARG B 482 34.91 -2.07 -7.71
C ARG B 482 36.09 -1.16 -7.40
N PRO B 483 36.87 -0.79 -8.42
CA PRO B 483 38.04 0.06 -8.27
C PRO B 483 38.39 0.55 -6.89
N ASP B 484 38.50 1.86 -6.71
CA ASP B 484 38.92 2.30 -5.41
C ASP B 484 37.75 2.55 -4.50
N ALA B 485 36.84 1.59 -4.57
CA ALA B 485 35.59 1.65 -3.86
C ALA B 485 35.40 0.59 -2.84
N ILE B 486 34.40 0.83 -2.00
CA ILE B 486 34.03 -0.03 -0.89
C ILE B 486 33.24 -1.32 -1.18
N PHE B 487 32.45 -1.33 -2.27
CA PHE B 487 31.59 -2.47 -2.62
C PHE B 487 31.94 -3.18 -3.90
N GLY B 488 31.32 -4.35 -4.04
CA GLY B 488 31.47 -5.16 -5.24
C GLY B 488 30.33 -4.85 -6.19
N GLU B 489 30.28 -5.53 -7.33
CA GLU B 489 29.22 -5.28 -8.31
C GLU B 489 27.86 -5.71 -7.79
N THR B 490 27.79 -6.92 -7.24
CA THR B 490 26.57 -7.43 -6.66
C THR B 490 26.12 -6.39 -5.65
N MET B 491 26.79 -6.28 -4.50
CA MET B 491 26.40 -5.30 -3.49
C MET B 491 25.83 -4.00 -4.05
N VAL B 492 26.31 -3.51 -5.18
CA VAL B 492 25.76 -2.26 -5.75
C VAL B 492 24.47 -2.51 -6.53
N GLU B 493 24.48 -3.49 -7.43
CA GLU B 493 23.33 -3.82 -8.26
C GLU B 493 22.05 -4.35 -7.59
N LEU B 494 22.16 -5.12 -6.51
CA LEU B 494 20.96 -5.60 -5.86
C LEU B 494 20.41 -4.44 -5.06
N GLY B 495 21.24 -3.91 -4.16
CA GLY B 495 20.85 -2.83 -3.29
C GLY B 495 20.42 -1.48 -3.85
N ALA B 496 20.90 -1.06 -5.02
CA ALA B 496 20.49 0.25 -5.53
C ALA B 496 19.01 0.26 -5.83
N PRO B 497 18.52 -0.76 -6.60
CA PRO B 497 17.10 -0.82 -6.92
C PRO B 497 16.30 -0.75 -5.64
N PHE B 498 16.68 -1.57 -4.65
CA PHE B 498 15.97 -1.59 -3.38
C PHE B 498 16.02 -0.20 -2.75
N SER B 499 17.21 0.38 -2.66
CA SER B 499 17.41 1.68 -2.02
C SER B 499 16.59 2.85 -2.60
N LEU B 500 16.52 2.97 -3.92
CA LEU B 500 15.76 4.07 -4.56
C LEU B 500 14.23 3.92 -4.48
N LYS B 501 13.75 2.69 -4.44
CA LYS B 501 12.34 2.43 -4.35
C LYS B 501 11.87 2.91 -2.99
N GLY B 502 12.45 2.39 -1.93
CA GLY B 502 12.03 2.79 -0.59
C GLY B 502 12.21 4.27 -0.32
N LEU B 503 12.93 4.95 -1.20
CA LEU B 503 13.17 6.38 -1.03
C LEU B 503 12.14 7.13 -1.87
N MET B 504 12.10 6.85 -3.16
CA MET B 504 11.14 7.50 -4.04
C MET B 504 9.68 7.06 -3.79
N GLY B 505 9.44 5.76 -3.60
CA GLY B 505 8.10 5.26 -3.38
C GLY B 505 7.49 5.57 -2.02
N ASN B 506 7.74 6.76 -1.49
CA ASN B 506 7.20 7.13 -0.18
C ASN B 506 6.11 8.12 -0.47
N PRO B 507 4.95 7.96 0.16
CA PRO B 507 3.85 8.87 -0.08
C PRO B 507 4.22 10.34 -0.27
N ILE B 508 5.08 10.88 0.58
CA ILE B 508 5.42 12.29 0.44
C ILE B 508 6.08 12.62 -0.88
N CYS B 509 6.30 11.64 -1.73
CA CYS B 509 6.92 11.93 -3.03
C CYS B 509 5.92 11.83 -4.16
N SER B 510 4.68 11.55 -3.79
CA SER B 510 3.56 11.43 -4.72
C SER B 510 3.11 12.83 -5.08
N PRO B 511 2.69 13.02 -6.32
CA PRO B 511 2.23 14.32 -6.79
C PRO B 511 1.25 15.03 -5.90
N GLN B 512 0.37 14.31 -5.20
CA GLN B 512 -0.60 15.01 -4.36
C GLN B 512 -0.08 15.37 -2.98
N TYR B 513 1.11 14.89 -2.64
CA TYR B 513 1.72 15.22 -1.34
C TYR B 513 2.85 16.22 -1.55
N TRP B 514 3.61 16.07 -2.63
CA TRP B 514 4.73 16.98 -2.93
C TRP B 514 4.35 18.42 -3.30
N LYS B 515 4.04 19.21 -2.28
CA LYS B 515 3.67 20.60 -2.51
C LYS B 515 3.79 21.41 -1.24
N PRO B 516 4.10 22.69 -1.38
CA PRO B 516 4.27 23.69 -0.32
C PRO B 516 3.28 23.47 0.82
N SER B 517 2.07 23.14 0.45
CA SER B 517 1.04 22.91 1.42
C SER B 517 1.26 21.79 2.39
N THR B 518 1.66 20.62 1.89
CA THR B 518 1.78 19.43 2.73
C THR B 518 2.62 19.62 3.94
N PHE B 519 3.55 20.58 3.84
CA PHE B 519 4.52 20.89 4.90
C PHE B 519 4.38 22.23 5.65
N GLY B 520 3.25 22.91 5.53
CA GLY B 520 3.06 24.16 6.25
C GLY B 520 3.47 25.47 5.57
N GLY B 521 3.60 25.45 4.25
CA GLY B 521 3.99 26.65 3.55
C GLY B 521 5.24 26.46 2.72
N GLU B 522 5.72 27.52 2.09
CA GLU B 522 6.93 27.41 1.28
C GLU B 522 8.10 27.13 2.23
N VAL B 523 8.01 27.72 3.42
CA VAL B 523 9.01 27.58 4.47
C VAL B 523 9.42 26.15 4.75
N GLY B 524 8.59 25.43 5.47
CA GLY B 524 8.92 24.06 5.78
C GLY B 524 9.18 23.23 4.53
N PHE B 525 8.91 23.76 3.34
CA PHE B 525 9.16 23.00 2.12
C PHE B 525 10.62 23.19 1.82
N LYS B 526 11.08 24.42 1.95
CA LYS B 526 12.48 24.72 1.69
C LYS B 526 13.37 23.99 2.68
N ILE B 527 12.89 23.84 3.92
CA ILE B 527 13.63 23.12 4.92
C ILE B 527 13.97 21.75 4.34
N ILE B 528 13.05 21.16 3.56
CA ILE B 528 13.26 19.85 2.92
C ILE B 528 14.15 19.97 1.70
N ASN B 529 14.10 21.10 1.01
CA ASN B 529 14.90 21.21 -0.18
C ASN B 529 16.26 21.87 -0.01
N THR B 530 16.64 22.08 1.23
CA THR B 530 17.92 22.69 1.49
C THR B 530 18.64 21.91 2.60
N ALA B 531 18.11 20.73 2.90
CA ALA B 531 18.68 19.89 3.93
C ALA B 531 19.98 19.24 3.44
N SER B 532 20.85 18.93 4.39
CA SER B 532 22.15 18.30 4.16
C SER B 532 22.70 17.83 5.51
N ILE B 533 23.47 16.75 5.51
CA ILE B 533 24.06 16.19 6.74
C ILE B 533 24.86 17.26 7.46
N GLN B 534 25.31 18.25 6.72
CA GLN B 534 26.04 19.36 7.32
C GLN B 534 25.07 20.23 8.11
N SER B 535 24.08 20.79 7.40
CA SER B 535 23.05 21.65 8.01
C SER B 535 22.42 20.99 9.22
N LEU B 536 22.14 19.70 9.10
CA LEU B 536 21.54 18.97 10.20
C LEU B 536 22.41 19.15 11.47
N ILE B 537 23.73 19.04 11.31
CA ILE B 537 24.68 19.18 12.43
C ILE B 537 24.86 20.64 12.82
N CYS B 538 25.08 21.51 11.84
CA CYS B 538 25.27 22.93 12.11
C CYS B 538 24.13 23.44 12.99
N ASN B 539 22.91 23.11 12.57
CA ASN B 539 21.70 23.53 13.26
C ASN B 539 21.48 22.90 14.63
N ASN B 540 21.75 21.61 14.78
CA ASN B 540 21.48 20.94 16.04
C ASN B 540 22.63 20.48 16.92
N VAL B 541 23.86 20.80 16.52
CA VAL B 541 25.02 20.41 17.31
C VAL B 541 25.61 21.74 17.76
N LYS B 542 26.05 21.80 19.02
CA LYS B 542 26.61 23.01 19.64
C LYS B 542 27.23 24.01 18.67
N GLY B 543 28.55 24.09 18.59
CA GLY B 543 29.12 25.03 17.64
C GLY B 543 28.94 24.31 16.34
N CYS B 544 28.82 24.96 15.20
CA CYS B 544 28.63 24.20 13.96
C CYS B 544 29.84 23.37 13.62
N PRO B 545 29.87 22.09 14.02
CA PRO B 545 31.08 21.39 13.63
C PRO B 545 30.93 21.07 12.15
N PHE B 546 31.99 21.24 11.37
CA PHE B 546 31.92 20.87 9.96
C PHE B 546 31.74 19.38 9.99
N THR B 547 31.12 18.82 8.96
CA THR B 547 30.96 17.38 8.89
C THR B 547 30.83 16.89 7.50
N SER B 548 31.04 15.61 7.33
CA SER B 548 30.99 15.02 6.04
C SER B 548 30.89 13.56 6.32
N PHE B 549 30.44 12.81 5.32
CA PHE B 549 30.34 11.37 5.47
C PHE B 549 31.65 10.81 4.97
N ASN B 550 32.49 11.74 4.54
CA ASN B 550 33.80 11.45 4.02
C ASN B 550 34.83 11.98 5.00
N VAL B 551 35.90 11.23 5.15
CA VAL B 551 36.94 11.54 6.10
C VAL B 551 37.77 12.76 5.73
N GLN B 552 37.17 13.66 4.94
CA GLN B 552 37.80 14.89 4.47
C GLN B 552 38.70 14.67 3.23
#